data_7P0A
#
_entry.id   7P0A
#
_cell.length_a   120.649
_cell.length_b   125.958
_cell.length_c   92.927
_cell.angle_alpha   90.00
_cell.angle_beta   126.63
_cell.angle_gamma   90.00
#
_symmetry.space_group_name_H-M   'C 1 2 1'
#
loop_
_entity.id
_entity.type
_entity.pdbx_description
1 polymer 'H-2 class I histocompatibility antigen, D-B alpha chain'
2 polymer Beta-2-microglobulin
3 polymer 'Stable signal peptide'
4 non-polymer 'SULFATE ION'
5 non-polymer 'CHLORIDE ION'
6 water water
#
loop_
_entity_poly.entity_id
_entity_poly.type
_entity_poly.pdbx_seq_one_letter_code
_entity_poly.pdbx_strand_id
1 'polypeptide(L)'
;GPHSMRYFETAVSRPGLEEPRYISVGYVDNKEFVRFDSDAENPRYEPRAPWMEQEGPEYWERETQKAKGQEQWFRVSLRN
LLGYYNQSAGGSHTLQQMSGCDLGSDWRLLRGYLQFAYEGRDYIALNEDLKTWTAADMAAQITRRKWEQSGAAEHYKAYL
EGECVEWLHRYLKNGNATLLRTDSPKAHVTHHPRSKGEVTLRCWALGFYPADITLTWQLNGEELTQDMELVETRPAGDGT
FQKWASVVVPLGKEQNYTCRVYHEGLPEPLTLRWEP
;
A,D
2 'polypeptide(L)'
;MGIQKTPQIQVYSRHPPENGKPNILNCYVTQFHPPHIEIQMLKNGKKIPKVEMSDMSFSKDWSFYILAHTEFTPTETDTY
ACRVKHDSMAEPKTVYWDRDM
;
B,E
3 'polypeptide(L)' KAPYN(DPN)ATM C,F
#
# COMPACT_ATOMS: atom_id res chain seq x y z
N GLY A 1 4.24 -3.76 -10.58
CA GLY A 1 3.41 -3.75 -9.39
C GLY A 1 4.19 -3.89 -8.09
N PRO A 2 3.51 -4.25 -7.00
CA PRO A 2 4.19 -4.41 -5.71
C PRO A 2 4.81 -5.80 -5.55
N HIS A 3 5.98 -5.84 -4.93
CA HIS A 3 6.75 -7.06 -4.78
C HIS A 3 7.25 -7.19 -3.35
N SER A 4 7.80 -8.36 -3.03
CA SER A 4 8.23 -8.66 -1.68
C SER A 4 9.18 -9.84 -1.66
N MET A 5 9.89 -9.98 -0.54
CA MET A 5 10.77 -11.11 -0.28
C MET A 5 10.71 -11.42 1.21
N ARG A 6 10.76 -12.72 1.54
CA ARG A 6 10.69 -13.15 2.93
C ARG A 6 11.59 -14.36 3.14
N TYR A 7 12.06 -14.50 4.39
CA TYR A 7 12.86 -15.65 4.80
C TYR A 7 12.30 -16.17 6.12
N PHE A 8 11.73 -17.38 6.08
CA PHE A 8 11.12 -18.03 7.24
C PHE A 8 12.13 -19.05 7.77
N GLU A 9 12.86 -18.68 8.83
CA GLU A 9 13.79 -19.59 9.47
C GLU A 9 13.16 -20.20 10.71
N THR A 10 13.41 -21.50 10.90
CA THR A 10 12.82 -22.27 12.01
C THR A 10 13.89 -23.16 12.62
N ALA A 11 13.95 -23.20 13.94
CA ALA A 11 14.82 -24.13 14.66
C ALA A 11 14.03 -24.80 15.76
N VAL A 12 14.08 -26.13 15.79
CA VAL A 12 13.33 -26.95 16.74
C VAL A 12 14.32 -27.85 17.47
N SER A 13 14.36 -27.75 18.79
CA SER A 13 15.06 -28.71 19.61
C SER A 13 14.07 -29.78 20.05
N ARG A 14 14.52 -31.04 20.03
CA ARG A 14 13.64 -32.13 20.42
C ARG A 14 14.32 -32.98 21.48
N PRO A 15 13.57 -33.47 22.47
CA PRO A 15 14.15 -34.40 23.44
C PRO A 15 14.57 -35.69 22.77
N GLY A 16 15.87 -35.88 22.60
CA GLY A 16 16.37 -37.06 21.92
C GLY A 16 17.59 -36.83 21.07
N LEU A 17 17.84 -35.59 20.67
CA LEU A 17 19.00 -35.29 19.84
C LEU A 17 19.69 -34.03 20.38
N GLU A 18 20.99 -33.93 20.04
CA GLU A 18 21.84 -32.93 20.69
C GLU A 18 21.69 -31.55 20.04
N GLU A 19 21.74 -31.48 18.71
CA GLU A 19 21.62 -30.21 18.01
C GLU A 19 20.24 -30.06 17.39
N PRO A 20 19.62 -28.88 17.51
CA PRO A 20 18.27 -28.72 16.96
C PRO A 20 18.26 -28.68 15.44
N ARG A 21 17.13 -29.06 14.86
CA ARG A 21 16.96 -29.05 13.42
C ARG A 21 16.63 -27.65 12.95
N TYR A 22 17.30 -27.20 11.90
CA TYR A 22 17.18 -25.82 11.42
C TYR A 22 16.79 -25.83 9.96
N ILE A 23 15.71 -25.11 9.63
CA ILE A 23 15.21 -24.97 8.27
C ILE A 23 15.10 -23.49 7.95
N SER A 24 15.43 -23.13 6.71
CA SER A 24 15.28 -21.77 6.22
C SER A 24 14.65 -21.84 4.83
N VAL A 25 13.58 -21.09 4.61
CA VAL A 25 12.85 -21.09 3.35
C VAL A 25 12.72 -19.65 2.86
N GLY A 26 13.01 -19.43 1.59
CA GLY A 26 12.94 -18.10 0.98
C GLY A 26 11.76 -17.98 0.05
N TYR A 27 11.17 -16.80 -0.01
CA TYR A 27 10.02 -16.54 -0.87
C TYR A 27 10.24 -15.25 -1.65
N VAL A 28 10.04 -15.32 -2.96
CA VAL A 28 9.97 -14.16 -3.83
C VAL A 28 8.53 -14.05 -4.32
N ASP A 29 7.88 -12.93 -4.01
CA ASP A 29 6.49 -12.69 -4.37
C ASP A 29 5.59 -13.82 -3.87
N ASN A 30 5.80 -14.21 -2.62
CA ASN A 30 5.02 -15.26 -1.97
C ASN A 30 5.13 -16.59 -2.70
N LYS A 31 6.29 -16.84 -3.33
CA LYS A 31 6.56 -18.10 -4.00
C LYS A 31 7.94 -18.57 -3.60
N GLU A 32 8.04 -19.85 -3.21
CA GLU A 32 9.30 -20.38 -2.69
C GLU A 32 10.33 -20.46 -3.80
N PHE A 33 11.55 -20.03 -3.51
CA PHE A 33 12.59 -20.05 -4.52
C PHE A 33 13.94 -20.59 -4.03
N VAL A 34 14.09 -20.92 -2.75
CA VAL A 34 15.33 -21.47 -2.22
C VAL A 34 15.12 -21.99 -0.79
N ARG A 35 15.90 -22.99 -0.39
CA ARG A 35 15.69 -23.64 0.90
C ARG A 35 17.00 -24.19 1.44
N PHE A 36 17.06 -24.31 2.78
CA PHE A 36 18.17 -24.91 3.50
C PHE A 36 17.62 -25.82 4.60
N ASP A 37 18.26 -26.97 4.79
CA ASP A 37 17.77 -27.96 5.76
C ASP A 37 18.96 -28.72 6.34
N SER A 38 19.17 -28.57 7.64
CA SER A 38 20.27 -29.25 8.31
C SER A 38 20.09 -30.76 8.40
N ASP A 39 18.93 -31.28 8.02
CA ASP A 39 18.68 -32.71 8.00
C ASP A 39 18.95 -33.35 6.65
N ALA A 40 19.55 -32.61 5.71
CA ALA A 40 19.71 -33.06 4.34
C ALA A 40 20.97 -33.92 4.18
N GLU A 41 21.15 -34.42 2.95
CA GLU A 41 22.30 -35.23 2.55
C GLU A 41 23.58 -34.73 3.19
N ASN A 42 23.98 -33.51 2.82
CA ASN A 42 24.80 -32.64 3.63
C ASN A 42 24.25 -31.23 3.42
N PRO A 43 23.83 -30.53 4.47
CA PRO A 43 22.94 -29.37 4.27
C PRO A 43 23.55 -28.29 3.39
N ARG A 44 22.70 -27.68 2.56
CA ARG A 44 23.10 -26.59 1.68
C ARG A 44 21.85 -25.85 1.25
N TYR A 45 22.06 -24.75 0.53
CA TYR A 45 20.97 -23.96 -0.02
C TYR A 45 20.70 -24.45 -1.44
N GLU A 46 19.55 -25.07 -1.64
CA GLU A 46 19.21 -25.55 -2.97
C GLU A 46 18.11 -24.68 -3.59
N PRO A 47 18.12 -24.50 -4.90
CA PRO A 47 17.03 -23.78 -5.55
C PRO A 47 15.74 -24.57 -5.50
N ARG A 48 14.63 -23.86 -5.29
CA ARG A 48 13.30 -24.46 -5.32
C ARG A 48 12.44 -23.85 -6.43
N ALA A 49 13.06 -23.15 -7.38
CA ALA A 49 12.33 -22.43 -8.41
C ALA A 49 12.94 -22.72 -9.77
N PRO A 50 12.13 -22.63 -10.83
CA PRO A 50 12.69 -22.82 -12.19
C PRO A 50 13.70 -21.75 -12.56
N TRP A 51 13.39 -20.48 -12.28
CA TRP A 51 14.20 -19.34 -12.70
C TRP A 51 15.39 -19.09 -11.79
N MET A 52 15.51 -19.77 -10.66
CA MET A 52 16.63 -19.61 -9.75
C MET A 52 17.84 -20.45 -10.13
N GLU A 53 17.68 -21.42 -11.02
CA GLU A 53 18.76 -22.36 -11.30
C GLU A 53 19.99 -21.70 -11.89
N GLN A 54 19.84 -20.51 -12.47
CA GLN A 54 20.97 -19.83 -13.12
C GLN A 54 21.87 -18.97 -12.22
N GLU A 55 21.95 -19.32 -10.94
CA GLU A 55 22.77 -18.56 -10.00
C GLU A 55 24.16 -19.17 -9.91
N GLY A 56 25.16 -18.31 -9.79
CA GLY A 56 26.54 -18.74 -9.82
C GLY A 56 26.88 -19.70 -8.69
N PRO A 57 27.95 -20.48 -8.88
CA PRO A 57 28.39 -21.37 -7.79
C PRO A 57 28.86 -20.60 -6.57
N GLU A 58 29.41 -19.39 -6.75
CA GLU A 58 29.80 -18.58 -5.60
C GLU A 58 28.58 -18.16 -4.80
N TYR A 59 27.41 -18.08 -5.43
CA TYR A 59 26.21 -17.60 -4.74
C TYR A 59 25.74 -18.61 -3.69
N TRP A 60 25.70 -19.89 -4.05
CA TRP A 60 25.26 -20.90 -3.10
C TRP A 60 26.28 -21.16 -2.01
N GLU A 61 27.56 -20.86 -2.25
CA GLU A 61 28.58 -21.06 -1.22
C GLU A 61 28.45 -20.02 -0.11
N ARG A 62 28.24 -18.75 -0.48
CA ARG A 62 28.02 -17.73 0.54
C ARG A 62 26.72 -17.98 1.30
N GLU A 63 25.64 -18.31 0.58
CA GLU A 63 24.35 -18.52 1.24
C GLU A 63 24.40 -19.72 2.18
N THR A 64 25.04 -20.80 1.76
CA THR A 64 25.15 -21.96 2.64
C THR A 64 26.05 -21.66 3.83
N GLN A 65 27.10 -20.87 3.64
CA GLN A 65 27.93 -20.48 4.78
C GLN A 65 27.13 -19.63 5.76
N LYS A 66 26.25 -18.76 5.25
CA LYS A 66 25.42 -17.98 6.15
C LYS A 66 24.45 -18.87 6.93
N ALA A 67 23.86 -19.87 6.27
CA ALA A 67 22.91 -20.73 6.96
C ALA A 67 23.56 -21.51 8.08
N LYS A 68 24.82 -21.94 7.89
CA LYS A 68 25.56 -22.53 9.00
C LYS A 68 25.71 -21.55 10.15
N GLY A 69 25.85 -20.26 9.85
CA GLY A 69 25.93 -19.26 10.90
C GLY A 69 24.63 -19.10 11.65
N GLN A 70 23.53 -18.92 10.91
CA GLN A 70 22.22 -18.83 11.55
C GLN A 70 21.94 -20.06 12.40
N GLU A 71 22.24 -21.24 11.88
CA GLU A 71 22.08 -22.48 12.63
C GLU A 71 22.69 -22.37 14.02
N GLN A 72 23.97 -22.04 14.10
CA GLN A 72 24.63 -21.84 15.40
C GLN A 72 23.93 -20.75 16.21
N TRP A 73 23.64 -19.62 15.57
CA TRP A 73 22.93 -18.53 16.25
C TRP A 73 21.65 -19.02 16.88
N PHE A 74 20.90 -19.88 16.17
CA PHE A 74 19.67 -20.42 16.73
C PHE A 74 19.94 -21.46 17.81
N ARG A 75 21.10 -22.12 17.76
CA ARG A 75 21.42 -23.11 18.78
C ARG A 75 21.75 -22.45 20.11
N VAL A 76 22.42 -21.30 20.07
CA VAL A 76 22.78 -20.62 21.32
C VAL A 76 21.56 -19.98 21.95
N SER A 77 20.79 -19.24 21.15
CA SER A 77 19.61 -18.55 21.68
C SER A 77 18.64 -19.54 22.28
N LEU A 78 18.39 -20.66 21.58
CA LEU A 78 17.53 -21.72 22.11
C LEU A 78 17.96 -22.15 23.50
N ARG A 79 19.28 -22.23 23.73
CA ARG A 79 19.77 -22.51 25.07
C ARG A 79 19.57 -21.31 25.99
N ASN A 80 19.75 -20.10 25.47
CA ASN A 80 19.52 -18.91 26.27
C ASN A 80 18.07 -18.82 26.73
N LEU A 81 17.14 -19.25 25.88
CA LEU A 81 15.72 -19.03 26.17
C LEU A 81 15.20 -20.01 27.22
N LEU A 82 15.81 -21.20 27.34
CA LEU A 82 15.44 -22.10 28.42
C LEU A 82 15.62 -21.44 29.77
N GLY A 83 16.70 -20.67 29.94
CA GLY A 83 16.92 -19.99 31.19
C GLY A 83 16.00 -18.80 31.40
N TYR A 84 15.71 -18.05 30.34
CA TYR A 84 14.80 -16.91 30.48
C TYR A 84 13.43 -17.35 30.97
N TYR A 85 13.00 -18.57 30.65
CA TYR A 85 11.67 -19.05 31.01
C TYR A 85 11.70 -20.18 32.04
N ASN A 86 12.86 -20.47 32.61
CA ASN A 86 13.00 -21.49 33.67
C ASN A 86 12.41 -22.83 33.24
N GLN A 87 12.69 -23.21 32.00
CA GLN A 87 12.35 -24.54 31.52
C GLN A 87 13.53 -25.48 31.72
N SER A 88 13.23 -26.76 31.83
CA SER A 88 14.24 -27.79 31.95
C SER A 88 14.21 -28.69 30.73
N ALA A 89 15.15 -29.62 30.69
CA ALA A 89 15.19 -30.59 29.61
C ALA A 89 13.94 -31.46 29.62
N GLY A 90 13.65 -32.06 28.46
CA GLY A 90 12.53 -32.97 28.31
C GLY A 90 11.50 -32.54 27.28
N GLY A 91 11.47 -31.25 26.92
CA GLY A 91 10.47 -30.72 26.03
C GLY A 91 11.01 -30.39 24.65
N SER A 92 10.09 -29.95 23.80
CA SER A 92 10.39 -29.47 22.47
C SER A 92 10.12 -27.97 22.41
N HIS A 93 11.00 -27.24 21.74
CA HIS A 93 10.91 -25.80 21.69
C HIS A 93 11.18 -25.33 20.27
N THR A 94 10.63 -24.16 19.93
CA THR A 94 10.76 -23.61 18.60
C THR A 94 11.17 -22.15 18.70
N LEU A 95 12.20 -21.78 17.94
CA LEU A 95 12.53 -20.40 17.69
C LEU A 95 12.30 -20.16 16.21
N GLN A 96 11.52 -19.13 15.89
CA GLN A 96 11.19 -18.80 14.51
C GLN A 96 11.63 -17.38 14.21
N GLN A 97 11.97 -17.14 12.94
CA GLN A 97 12.39 -15.82 12.53
C GLN A 97 11.80 -15.54 11.16
N MET A 98 11.26 -14.33 11.01
CA MET A 98 10.68 -13.89 9.75
C MET A 98 11.28 -12.53 9.42
N SER A 99 11.96 -12.44 8.28
CA SER A 99 12.60 -11.21 7.85
C SER A 99 12.28 -10.99 6.38
N GLY A 100 12.21 -9.74 5.97
CA GLY A 100 11.98 -9.48 4.57
C GLY A 100 11.65 -8.03 4.29
N CYS A 101 11.56 -7.74 2.99
CA CYS A 101 11.32 -6.39 2.50
C CYS A 101 10.07 -6.38 1.63
N ASP A 102 9.20 -5.41 1.88
CA ASP A 102 8.10 -5.07 0.97
C ASP A 102 8.49 -3.82 0.23
N LEU A 103 8.66 -3.92 -1.09
CA LEU A 103 8.91 -2.74 -1.89
C LEU A 103 7.78 -2.51 -2.88
N GLY A 104 7.71 -1.27 -3.36
CA GLY A 104 6.59 -0.79 -4.14
C GLY A 104 6.92 -0.62 -5.60
N SER A 105 6.02 0.08 -6.31
CA SER A 105 6.14 0.21 -7.76
C SER A 105 7.33 1.07 -8.15
N ASP A 106 7.78 1.97 -7.27
CA ASP A 106 8.97 2.76 -7.54
C ASP A 106 10.26 1.99 -7.28
N TRP A 107 10.15 0.73 -6.87
CA TRP A 107 11.26 -0.18 -6.55
C TRP A 107 12.00 0.22 -5.28
N ARG A 108 11.43 1.10 -4.47
CA ARG A 108 12.00 1.49 -3.19
C ARG A 108 11.29 0.78 -2.06
N LEU A 109 11.97 0.67 -0.92
CA LEU A 109 11.42 -0.05 0.22
C LEU A 109 10.22 0.69 0.80
N LEU A 110 9.18 -0.07 1.12
CA LEU A 110 8.01 0.45 1.84
C LEU A 110 8.07 0.11 3.32
N ARG A 111 8.31 -1.16 3.65
CA ARG A 111 8.49 -1.56 5.03
C ARG A 111 9.30 -2.85 5.07
N GLY A 112 10.28 -2.89 5.98
CA GLY A 112 11.02 -4.10 6.25
C GLY A 112 10.47 -4.80 7.46
N TYR A 113 10.81 -6.08 7.59
CA TYR A 113 10.31 -6.92 8.67
C TYR A 113 11.48 -7.64 9.33
N LEU A 114 11.41 -7.77 10.65
CA LEU A 114 12.40 -8.53 11.41
C LEU A 114 11.51 -8.86 12.60
N GLN A 115 11.26 -10.15 12.81
CA GLN A 115 10.40 -10.58 13.91
C GLN A 115 10.79 -11.99 14.33
N PHE A 116 10.72 -12.24 15.64
CA PHE A 116 11.05 -13.53 16.23
C PHE A 116 9.89 -14.03 17.06
N ALA A 117 9.81 -15.36 17.19
CA ALA A 117 8.77 -15.98 17.98
C ALA A 117 9.34 -17.20 18.68
N TYR A 118 8.97 -17.38 19.94
CA TYR A 118 9.39 -18.53 20.74
C TYR A 118 8.15 -19.31 21.13
N GLU A 119 8.22 -20.62 20.97
CA GLU A 119 7.07 -21.49 21.21
C GLU A 119 5.82 -20.96 20.48
N GLY A 120 6.00 -20.60 19.22
CA GLY A 120 4.91 -20.10 18.40
C GLY A 120 4.35 -18.74 18.78
N ARG A 121 4.71 -18.20 19.94
CA ARG A 121 4.22 -16.88 20.36
C ARG A 121 5.27 -15.81 20.12
N ASP A 122 4.77 -14.59 19.85
CA ASP A 122 5.63 -13.43 19.58
C ASP A 122 6.66 -13.26 20.68
N TYR A 123 7.89 -12.92 20.29
CA TYR A 123 8.96 -12.70 21.26
C TYR A 123 9.56 -11.31 21.16
N ILE A 124 10.08 -10.90 19.99
CA ILE A 124 10.62 -9.55 19.83
C ILE A 124 10.59 -9.20 18.35
N ALA A 125 10.34 -7.93 18.05
CA ALA A 125 10.13 -7.53 16.66
C ALA A 125 10.69 -6.13 16.44
N LEU A 126 11.36 -5.96 15.30
CA LEU A 126 11.75 -4.63 14.85
C LEU A 126 10.53 -3.88 14.34
N ASN A 127 10.35 -2.66 14.83
CA ASN A 127 9.18 -1.85 14.48
C ASN A 127 9.28 -1.38 13.03
N GLU A 128 8.30 -0.57 12.61
CA GLU A 128 8.30 -0.07 11.25
C GLU A 128 9.43 0.93 11.01
N ASP A 129 9.86 1.63 12.07
CA ASP A 129 10.94 2.61 11.92
C ASP A 129 12.29 1.97 11.71
N LEU A 130 12.44 0.68 12.03
CA LEU A 130 13.71 -0.05 11.94
C LEU A 130 14.74 0.29 13.02
N LYS A 131 14.34 1.10 14.00
CA LYS A 131 15.21 1.67 15.01
C LYS A 131 14.93 1.14 16.40
N THR A 132 13.66 0.89 16.73
CA THR A 132 13.24 0.44 18.05
C THR A 132 12.76 -0.99 17.99
N TRP A 133 12.57 -1.58 19.17
CA TRP A 133 12.18 -2.98 19.29
C TRP A 133 10.91 -3.10 20.13
N THR A 134 10.07 -4.05 19.77
CA THR A 134 8.84 -4.35 20.51
C THR A 134 8.97 -5.72 21.16
N ALA A 135 8.80 -5.77 22.49
CA ALA A 135 8.96 -7.00 23.25
C ALA A 135 7.83 -7.13 24.25
N ALA A 136 7.16 -8.27 24.23
CA ALA A 136 5.98 -8.49 25.08
C ALA A 136 6.18 -9.17 26.43
N ASP A 137 6.87 -10.31 26.45
CA ASP A 137 7.22 -10.97 27.69
C ASP A 137 8.27 -10.16 28.46
N MET A 138 8.31 -10.38 29.77
CA MET A 138 9.40 -9.80 30.56
C MET A 138 10.71 -10.53 30.30
N ALA A 139 10.65 -11.78 29.81
CA ALA A 139 11.88 -12.46 29.41
C ALA A 139 12.48 -11.82 28.16
N ALA A 140 11.66 -11.25 27.30
CA ALA A 140 12.18 -10.58 26.11
C ALA A 140 12.76 -9.21 26.44
N GLN A 141 12.55 -8.70 27.65
CA GLN A 141 13.16 -7.43 28.04
C GLN A 141 14.68 -7.54 28.11
N ILE A 142 15.19 -8.65 28.66
CA ILE A 142 16.63 -8.88 28.66
C ILE A 142 17.18 -8.76 27.25
N THR A 143 16.48 -9.34 26.28
CA THR A 143 16.95 -9.32 24.90
C THR A 143 16.90 -7.92 24.31
N ARG A 144 15.78 -7.20 24.50
CA ARG A 144 15.69 -5.87 23.94
C ARG A 144 16.75 -4.95 24.53
N ARG A 145 16.97 -5.04 25.85
CA ARG A 145 18.04 -4.27 26.45
C ARG A 145 19.40 -4.65 25.87
N LYS A 146 19.61 -5.94 25.57
CA LYS A 146 20.87 -6.36 25.00
C LYS A 146 21.04 -5.81 23.59
N TRP A 147 20.01 -5.95 22.76
CA TRP A 147 20.15 -5.60 21.36
C TRP A 147 20.20 -4.09 21.16
N GLU A 148 19.38 -3.34 21.90
CA GLU A 148 19.43 -1.89 21.74
C GLU A 148 20.69 -1.28 22.33
N GLN A 149 21.42 -2.03 23.17
CA GLN A 149 22.71 -1.59 23.66
C GLN A 149 23.87 -2.10 22.81
N SER A 150 23.60 -2.99 21.85
CA SER A 150 24.60 -3.51 20.93
C SER A 150 24.28 -3.15 19.48
N GLY A 151 23.39 -2.20 19.27
CA GLY A 151 23.12 -1.70 17.92
C GLY A 151 22.64 -2.74 16.94
N ALA A 152 21.76 -3.65 17.36
CA ALA A 152 21.23 -4.65 16.45
C ALA A 152 20.30 -4.02 15.41
N ALA A 153 19.44 -3.10 15.83
CA ALA A 153 18.48 -2.49 14.92
C ALA A 153 19.17 -1.88 13.71
N GLU A 154 20.25 -1.14 13.96
CA GLU A 154 20.94 -0.46 12.86
C GLU A 154 21.55 -1.47 11.89
N HIS A 155 21.98 -2.63 12.38
CA HIS A 155 22.51 -3.65 11.49
C HIS A 155 21.40 -4.27 10.64
N TYR A 156 20.30 -4.65 11.27
CA TYR A 156 19.16 -5.19 10.53
C TYR A 156 18.60 -4.16 9.56
N LYS A 157 18.59 -2.89 9.97
CA LYS A 157 18.14 -1.83 9.07
C LYS A 157 19.03 -1.75 7.84
N ALA A 158 20.33 -2.00 8.00
CA ALA A 158 21.23 -1.98 6.85
C ALA A 158 20.95 -3.12 5.89
N TYR A 159 20.51 -4.28 6.41
CA TYR A 159 20.17 -5.39 5.52
C TYR A 159 18.86 -5.12 4.79
N LEU A 160 17.82 -4.73 5.54
CA LEU A 160 16.51 -4.49 4.94
C LEU A 160 16.57 -3.41 3.87
N GLU A 161 17.22 -2.29 4.17
CA GLU A 161 17.28 -1.19 3.22
C GLU A 161 18.36 -1.39 2.17
N GLY A 162 19.27 -2.33 2.36
CA GLY A 162 20.37 -2.53 1.42
C GLY A 162 20.32 -3.84 0.66
N GLU A 163 20.81 -4.92 1.29
CA GLU A 163 20.92 -6.20 0.61
C GLU A 163 19.56 -6.72 0.18
N CYS A 164 18.55 -6.57 1.03
CA CYS A 164 17.22 -7.11 0.74
C CYS A 164 16.66 -6.53 -0.55
N VAL A 165 16.43 -5.21 -0.58
CA VAL A 165 15.77 -4.59 -1.72
C VAL A 165 16.63 -4.68 -2.97
N GLU A 166 17.96 -4.79 -2.81
CA GLU A 166 18.82 -4.89 -3.98
C GLU A 166 18.70 -6.26 -4.63
N TRP A 167 18.77 -7.32 -3.82
CA TRP A 167 18.80 -8.65 -4.40
C TRP A 167 17.44 -9.09 -4.90
N LEU A 168 16.36 -8.71 -4.21
CA LEU A 168 15.02 -9.03 -4.71
C LEU A 168 14.80 -8.45 -6.10
N HIS A 169 15.36 -7.28 -6.36
CA HIS A 169 15.31 -6.73 -7.71
C HIS A 169 16.05 -7.64 -8.69
N ARG A 170 17.23 -8.13 -8.32
CA ARG A 170 17.99 -8.99 -9.21
C ARG A 170 17.26 -10.31 -9.44
N TYR A 171 16.55 -10.83 -8.44
CA TYR A 171 15.78 -12.06 -8.62
C TYR A 171 14.63 -11.86 -9.60
N LEU A 172 13.93 -10.73 -9.49
CA LEU A 172 12.76 -10.49 -10.33
C LEU A 172 13.15 -10.26 -11.79
N LYS A 173 14.32 -9.66 -12.05
CA LYS A 173 14.80 -9.45 -13.41
C LYS A 173 15.26 -10.76 -14.09
N ASN A 174 14.95 -11.91 -13.49
CA ASN A 174 15.27 -13.21 -14.06
C ASN A 174 14.05 -13.96 -14.54
N GLY A 175 12.86 -13.61 -14.08
CA GLY A 175 11.63 -14.27 -14.50
C GLY A 175 10.62 -13.31 -15.11
N THR A 182 -0.01 -14.39 -13.92
CA THR A 182 -1.20 -13.76 -13.35
C THR A 182 -2.48 -14.42 -13.88
N ASP A 183 -2.84 -15.56 -13.29
CA ASP A 183 -4.00 -16.32 -13.73
C ASP A 183 -5.24 -15.89 -12.96
N SER A 184 -6.36 -15.69 -13.69
CA SER A 184 -7.63 -15.22 -13.18
C SER A 184 -8.61 -16.39 -12.98
N PRO A 185 -9.46 -16.32 -11.96
CA PRO A 185 -10.21 -17.51 -11.56
C PRO A 185 -11.33 -17.86 -12.53
N LYS A 186 -11.54 -19.15 -12.73
CA LYS A 186 -12.73 -19.69 -13.36
C LYS A 186 -13.64 -20.22 -12.27
N ALA A 187 -14.88 -19.75 -12.25
CA ALA A 187 -15.77 -19.95 -11.12
C ALA A 187 -16.98 -20.81 -11.49
N HIS A 188 -17.46 -21.56 -10.52
CA HIS A 188 -18.69 -22.35 -10.64
C HIS A 188 -19.45 -22.25 -9.33
N VAL A 189 -20.72 -22.69 -9.36
CA VAL A 189 -21.59 -22.71 -8.19
C VAL A 189 -22.19 -24.10 -8.06
N THR A 190 -22.20 -24.64 -6.84
CA THR A 190 -22.74 -25.97 -6.56
C THR A 190 -24.18 -25.84 -6.07
N HIS A 191 -25.09 -26.58 -6.71
CA HIS A 191 -26.53 -26.40 -6.57
C HIS A 191 -27.15 -27.31 -5.53
N HIS A 192 -26.37 -28.21 -4.93
CA HIS A 192 -26.89 -29.31 -4.14
C HIS A 192 -27.77 -28.81 -2.99
N PRO A 193 -29.03 -29.21 -2.93
CA PRO A 193 -29.88 -28.84 -1.80
C PRO A 193 -29.74 -29.81 -0.64
N ARG A 194 -29.80 -29.25 0.58
CA ARG A 194 -29.71 -30.05 1.79
C ARG A 194 -31.11 -30.32 2.35
N VAL A 199 -31.89 -25.60 0.92
CA VAL A 199 -30.82 -25.51 -0.06
C VAL A 199 -29.75 -24.52 0.40
N THR A 200 -28.49 -24.89 0.24
CA THR A 200 -27.37 -23.98 0.49
C THR A 200 -26.55 -23.85 -0.78
N LEU A 201 -26.09 -22.63 -1.05
CA LEU A 201 -25.37 -22.30 -2.26
C LEU A 201 -23.89 -22.12 -1.94
N ARG A 202 -23.03 -22.59 -2.86
CA ARG A 202 -21.59 -22.50 -2.67
C ARG A 202 -20.94 -21.99 -3.96
N CYS A 203 -20.17 -20.91 -3.82
CA CYS A 203 -19.52 -20.26 -4.96
C CYS A 203 -18.05 -20.64 -4.96
N TRP A 204 -17.62 -21.37 -5.98
CA TRP A 204 -16.24 -21.85 -6.10
C TRP A 204 -15.43 -20.92 -7.00
N ALA A 205 -14.19 -20.61 -6.58
CA ALA A 205 -13.24 -19.86 -7.39
C ALA A 205 -11.97 -20.69 -7.51
N LEU A 206 -11.61 -21.08 -8.73
CA LEU A 206 -10.57 -22.08 -8.96
C LEU A 206 -9.55 -21.58 -9.97
N GLY A 207 -8.31 -22.04 -9.79
CA GLY A 207 -7.27 -21.83 -10.78
C GLY A 207 -6.77 -20.41 -10.93
N PHE A 208 -6.69 -19.65 -9.85
CA PHE A 208 -6.20 -18.28 -9.92
C PHE A 208 -4.84 -18.16 -9.25
N TYR A 209 -4.11 -17.12 -9.64
CA TYR A 209 -2.84 -16.75 -9.05
C TYR A 209 -2.67 -15.27 -9.29
N PRO A 210 -2.28 -14.48 -8.27
CA PRO A 210 -1.96 -14.90 -6.90
C PRO A 210 -3.20 -15.17 -6.04
N ALA A 211 -2.98 -15.49 -4.77
CA ALA A 211 -4.06 -15.81 -3.85
C ALA A 211 -4.96 -14.63 -3.54
N ASP A 212 -4.71 -13.46 -4.13
CA ASP A 212 -5.53 -12.28 -3.90
C ASP A 212 -6.85 -12.69 -4.53
N ILE A 213 -7.84 -12.99 -3.69
CA ILE A 213 -9.20 -13.29 -4.13
C ILE A 213 -10.17 -12.71 -3.09
N THR A 214 -11.39 -12.45 -3.55
CA THR A 214 -12.43 -11.93 -2.66
C THR A 214 -13.79 -12.32 -3.23
N LEU A 215 -14.51 -13.18 -2.54
CA LEU A 215 -15.87 -13.56 -2.93
C LEU A 215 -16.88 -12.85 -2.05
N THR A 216 -18.10 -12.76 -2.55
CA THR A 216 -19.14 -12.09 -1.83
C THR A 216 -20.50 -12.55 -2.32
N TRP A 217 -21.46 -12.52 -1.42
CA TRP A 217 -22.82 -12.94 -1.72
C TRP A 217 -23.79 -11.76 -1.52
N GLN A 218 -24.34 -11.22 -2.59
CA GLN A 218 -25.33 -10.15 -2.45
C GLN A 218 -26.30 -10.38 -3.61
N LEU A 219 -27.47 -10.91 -3.34
CA LEU A 219 -28.49 -10.99 -4.37
C LEU A 219 -29.39 -9.75 -4.28
N ASN A 220 -29.51 -9.21 -3.09
CA ASN A 220 -30.30 -8.03 -2.86
C ASN A 220 -29.48 -6.77 -2.89
N GLY A 221 -28.26 -6.86 -3.36
CA GLY A 221 -27.39 -5.71 -3.38
C GLY A 221 -26.69 -5.43 -2.05
N GLU A 222 -26.90 -6.24 -1.02
CA GLU A 222 -26.26 -6.01 0.28
C GLU A 222 -25.36 -7.16 0.64
N GLU A 223 -24.14 -6.89 1.12
CA GLU A 223 -23.20 -7.95 1.46
C GLU A 223 -23.70 -8.72 2.69
N LEU A 224 -23.26 -9.96 2.80
CA LEU A 224 -23.73 -10.82 3.87
C LEU A 224 -22.66 -11.40 4.76
N THR A 225 -22.80 -11.22 6.07
CA THR A 225 -21.93 -11.87 7.04
C THR A 225 -22.69 -12.73 8.05
N GLN A 226 -24.02 -12.59 8.16
CA GLN A 226 -24.81 -13.53 8.95
C GLN A 226 -24.73 -14.91 8.31
N ASP A 227 -24.13 -15.86 9.04
CA ASP A 227 -23.73 -17.16 8.49
C ASP A 227 -22.78 -16.68 7.38
N MET A 228 -22.90 -17.15 6.15
CA MET A 228 -21.92 -16.87 5.08
C MET A 228 -20.55 -17.53 5.23
N GLU A 229 -20.58 -18.84 5.44
CA GLU A 229 -19.40 -19.61 5.80
C GLU A 229 -18.37 -19.58 4.67
N LEU A 230 -17.14 -19.22 5.01
CA LEU A 230 -16.07 -19.14 4.03
C LEU A 230 -14.91 -20.04 4.44
N VAL A 231 -14.06 -20.33 3.46
CA VAL A 231 -12.79 -21.00 3.69
C VAL A 231 -11.70 -20.08 3.16
N GLU A 232 -10.56 -20.03 3.85
CA GLU A 232 -9.49 -19.17 3.39
C GLU A 232 -8.75 -19.82 2.23
N THR A 233 -8.19 -18.97 1.38
CA THR A 233 -7.54 -19.41 0.14
C THR A 233 -6.50 -20.49 0.43
N ARG A 234 -6.57 -21.58 -0.33
CA ARG A 234 -5.69 -22.71 -0.17
C ARG A 234 -5.06 -23.08 -1.50
N PRO A 235 -3.86 -23.67 -1.47
CA PRO A 235 -3.19 -24.01 -2.73
C PRO A 235 -3.78 -25.25 -3.39
N ALA A 236 -3.91 -25.16 -4.71
CA ALA A 236 -4.05 -26.37 -5.51
C ALA A 236 -2.68 -27.01 -5.70
N GLY A 237 -2.68 -28.21 -6.28
CA GLY A 237 -1.44 -28.97 -6.38
C GLY A 237 -0.37 -28.36 -7.27
N ASP A 238 -0.60 -27.12 -7.73
CA ASP A 238 0.31 -26.46 -8.65
C ASP A 238 0.12 -25.01 -8.25
N GLY A 239 0.75 -24.10 -8.98
CA GLY A 239 1.02 -22.74 -8.57
C GLY A 239 -0.23 -21.88 -8.51
N THR A 240 -1.40 -22.52 -8.39
CA THR A 240 -2.67 -21.82 -8.32
C THR A 240 -3.27 -21.96 -6.93
N PHE A 241 -4.47 -21.43 -6.77
CA PHE A 241 -5.18 -21.43 -5.49
C PHE A 241 -6.67 -21.53 -5.77
N GLN A 242 -7.42 -21.94 -4.75
CA GLN A 242 -8.88 -22.02 -4.85
C GLN A 242 -9.50 -21.46 -3.58
N LYS A 243 -10.82 -21.26 -3.64
CA LYS A 243 -11.60 -20.76 -2.52
C LYS A 243 -13.08 -20.89 -2.85
N TRP A 244 -13.89 -21.19 -1.84
CA TRP A 244 -15.34 -21.21 -1.99
C TRP A 244 -16.00 -20.44 -0.85
N ALA A 245 -17.27 -20.07 -1.06
CA ALA A 245 -18.04 -19.34 -0.07
C ALA A 245 -19.45 -19.93 0.02
N SER A 246 -20.03 -19.88 1.21
CA SER A 246 -21.32 -20.50 1.47
C SER A 246 -22.40 -19.47 1.78
N VAL A 247 -23.64 -19.92 1.74
CA VAL A 247 -24.80 -19.18 2.26
C VAL A 247 -26.02 -20.09 2.38
N CYS A 259 -22.97 -13.85 -7.06
CA CYS A 259 -21.65 -14.08 -6.49
C CYS A 259 -20.58 -13.28 -7.23
N ARG A 260 -20.23 -12.11 -6.69
CA ARG A 260 -19.17 -11.30 -7.27
C ARG A 260 -17.81 -11.80 -6.80
N VAL A 261 -16.90 -11.99 -7.75
CA VAL A 261 -15.56 -12.52 -7.48
C VAL A 261 -14.55 -11.44 -7.89
N TYR A 262 -13.77 -10.97 -6.93
CA TYR A 262 -12.80 -9.88 -7.12
C TYR A 262 -11.39 -10.46 -7.14
N HIS A 263 -10.64 -10.16 -8.20
CA HIS A 263 -9.29 -10.68 -8.34
C HIS A 263 -8.41 -9.63 -9.01
N GLU A 264 -7.12 -9.67 -8.69
CA GLU A 264 -6.18 -8.71 -9.26
C GLU A 264 -6.02 -8.90 -10.76
N GLY A 265 -6.21 -10.13 -11.25
CA GLY A 265 -6.17 -10.37 -12.68
C GLY A 265 -7.44 -10.04 -13.42
N LEU A 266 -8.54 -9.85 -12.69
CA LEU A 266 -9.83 -9.57 -13.31
C LEU A 266 -9.92 -8.09 -13.69
N PRO A 267 -10.31 -7.77 -14.93
CA PRO A 267 -10.61 -6.37 -15.26
C PRO A 267 -11.96 -5.93 -14.73
N GLU A 268 -12.83 -6.86 -14.39
CA GLU A 268 -14.14 -6.59 -13.81
C GLU A 268 -14.55 -7.80 -12.98
N PRO A 269 -15.01 -7.60 -11.74
CA PRO A 269 -15.37 -8.73 -10.89
C PRO A 269 -16.47 -9.59 -11.51
N LEU A 270 -16.33 -10.91 -11.34
CA LEU A 270 -17.20 -11.86 -12.00
C LEU A 270 -18.61 -11.80 -11.41
N THR A 271 -19.56 -12.38 -12.16
CA THR A 271 -20.96 -12.46 -11.74
C THR A 271 -21.50 -13.83 -12.12
N LEU A 272 -21.92 -14.61 -11.14
CA LEU A 272 -22.44 -15.94 -11.39
C LEU A 272 -23.49 -16.28 -10.34
N ARG A 273 -24.58 -16.91 -10.79
CA ARG A 273 -25.67 -17.33 -9.90
C ARG A 273 -26.38 -18.57 -10.44
N ILE B 3 2.49 -23.21 23.33
CA ILE B 3 1.17 -23.83 23.26
C ILE B 3 1.09 -24.71 22.02
N GLN B 4 0.33 -25.79 22.12
CA GLN B 4 0.13 -26.68 20.98
C GLN B 4 -1.22 -26.43 20.34
N LYS B 5 -1.27 -26.62 19.02
CA LYS B 5 -2.47 -26.39 18.22
C LYS B 5 -2.75 -27.62 17.37
N THR B 6 -3.95 -28.20 17.54
CA THR B 6 -4.35 -29.35 16.74
C THR B 6 -4.42 -28.94 15.26
N PRO B 7 -4.01 -29.82 14.32
CA PRO B 7 -3.99 -29.40 12.92
C PRO B 7 -5.40 -29.16 12.39
N GLN B 8 -5.49 -28.34 11.35
CA GLN B 8 -6.71 -28.17 10.56
C GLN B 8 -6.48 -28.85 9.21
N ILE B 9 -7.16 -29.97 8.99
CA ILE B 9 -7.00 -30.78 7.79
C ILE B 9 -8.18 -30.51 6.86
N GLN B 10 -7.89 -30.36 5.57
CA GLN B 10 -8.96 -30.32 4.57
C GLN B 10 -8.46 -30.90 3.27
N VAL B 11 -9.29 -31.78 2.68
CA VAL B 11 -8.96 -32.54 1.49
C VAL B 11 -9.84 -32.04 0.35
N TYR B 12 -9.23 -31.87 -0.83
CA TYR B 12 -9.95 -31.32 -1.97
C TYR B 12 -9.20 -31.63 -3.25
N SER B 13 -9.94 -31.62 -4.35
CA SER B 13 -9.41 -31.86 -5.69
C SER B 13 -8.93 -30.56 -6.34
N ARG B 14 -7.98 -30.70 -7.26
CA ARG B 14 -7.61 -29.57 -8.11
C ARG B 14 -8.79 -29.13 -8.97
N HIS B 15 -9.21 -29.99 -9.90
CA HIS B 15 -10.35 -29.75 -10.76
C HIS B 15 -11.60 -30.37 -10.17
N PRO B 16 -12.79 -29.91 -10.58
CA PRO B 16 -14.01 -30.64 -10.26
C PRO B 16 -13.95 -32.04 -10.83
N PRO B 17 -14.13 -33.07 -9.99
CA PRO B 17 -13.79 -34.44 -10.40
C PRO B 17 -14.77 -34.95 -11.46
N GLU B 18 -14.21 -35.35 -12.60
CA GLU B 18 -14.94 -36.06 -13.64
C GLU B 18 -14.18 -37.33 -13.96
N ASN B 19 -14.91 -38.44 -14.08
CA ASN B 19 -14.31 -39.76 -14.18
C ASN B 19 -13.73 -39.98 -15.57
N GLY B 20 -12.42 -40.17 -15.63
CA GLY B 20 -11.69 -40.26 -16.88
C GLY B 20 -10.61 -39.22 -17.06
N LYS B 21 -10.55 -38.20 -16.19
CA LYS B 21 -9.64 -37.08 -16.31
C LYS B 21 -8.58 -37.14 -15.23
N PRO B 22 -7.33 -36.76 -15.54
CA PRO B 22 -6.32 -36.59 -14.50
C PRO B 22 -6.72 -35.50 -13.54
N ASN B 23 -5.99 -35.42 -12.44
CA ASN B 23 -6.34 -34.50 -11.36
C ASN B 23 -5.18 -34.45 -10.37
N ILE B 24 -5.37 -33.66 -9.31
CA ILE B 24 -4.50 -33.64 -8.15
C ILE B 24 -5.38 -33.69 -6.91
N LEU B 25 -5.11 -34.66 -6.04
CA LEU B 25 -5.77 -34.70 -4.74
C LEU B 25 -4.92 -33.98 -3.72
N ASN B 26 -5.53 -33.05 -2.99
CA ASN B 26 -4.81 -32.20 -2.05
C ASN B 26 -5.25 -32.50 -0.61
N CYS B 27 -4.29 -32.44 0.31
CA CYS B 27 -4.55 -32.54 1.75
C CYS B 27 -3.81 -31.40 2.42
N TYR B 28 -4.55 -30.35 2.78
CA TYR B 28 -3.99 -29.14 3.33
C TYR B 28 -4.08 -29.20 4.86
N VAL B 29 -2.94 -29.17 5.52
CA VAL B 29 -2.85 -29.23 6.97
C VAL B 29 -2.27 -27.92 7.46
N THR B 30 -2.97 -27.25 8.37
CA THR B 30 -2.61 -25.89 8.76
C THR B 30 -2.81 -25.71 10.26
N GLN B 31 -2.32 -24.57 10.74
CA GLN B 31 -2.61 -24.08 12.09
C GLN B 31 -2.21 -25.08 13.15
N PHE B 32 -1.05 -25.71 12.99
CA PHE B 32 -0.58 -26.64 14.01
C PHE B 32 0.79 -26.22 14.54
N HIS B 33 1.11 -26.78 15.69
CA HIS B 33 2.33 -26.55 16.45
C HIS B 33 2.38 -27.62 17.53
N PRO B 34 3.51 -28.33 17.71
CA PRO B 34 4.83 -28.21 17.08
C PRO B 34 4.85 -28.79 15.67
N PRO B 35 5.94 -28.56 14.92
CA PRO B 35 5.95 -28.95 13.50
C PRO B 35 5.94 -30.45 13.26
N HIS B 36 6.37 -31.27 14.22
CA HIS B 36 6.47 -32.69 13.96
C HIS B 36 5.09 -33.28 13.70
N ILE B 37 4.85 -33.75 12.48
CA ILE B 37 3.54 -34.23 12.07
C ILE B 37 3.74 -35.30 11.00
N GLU B 38 2.83 -36.27 10.97
CA GLU B 38 2.86 -37.34 9.99
C GLU B 38 1.57 -37.31 9.19
N ILE B 39 1.70 -37.38 7.86
CA ILE B 39 0.57 -37.26 6.94
C ILE B 39 0.64 -38.40 5.93
N GLN B 40 -0.50 -39.06 5.73
CA GLN B 40 -0.60 -40.09 4.71
C GLN B 40 -1.95 -39.97 4.03
N MET B 41 -1.94 -40.07 2.70
CA MET B 41 -3.16 -40.06 1.91
C MET B 41 -3.57 -41.49 1.61
N LEU B 42 -4.87 -41.77 1.69
CA LEU B 42 -5.41 -43.10 1.54
C LEU B 42 -6.22 -43.22 0.25
N LYS B 43 -6.25 -44.43 -0.30
CA LYS B 43 -7.10 -44.76 -1.44
C LYS B 43 -7.80 -46.08 -1.10
N ASN B 44 -9.05 -45.99 -0.64
CA ASN B 44 -9.83 -47.15 -0.22
C ASN B 44 -9.14 -47.91 0.92
N GLY B 45 -8.64 -47.16 1.90
CA GLY B 45 -7.95 -47.74 3.04
C GLY B 45 -6.49 -48.08 2.82
N LYS B 46 -6.05 -48.20 1.57
CA LYS B 46 -4.66 -48.44 1.27
C LYS B 46 -3.94 -47.11 1.04
N LYS B 47 -2.81 -46.94 1.72
CA LYS B 47 -2.07 -45.69 1.60
C LYS B 47 -1.54 -45.51 0.18
N ILE B 48 -1.51 -44.27 -0.27
CA ILE B 48 -1.08 -43.94 -1.63
C ILE B 48 0.44 -43.72 -1.60
N PRO B 49 1.22 -44.50 -2.34
CA PRO B 49 2.66 -44.25 -2.41
C PRO B 49 2.95 -43.06 -3.31
N LYS B 50 4.18 -42.57 -3.20
CA LYS B 50 4.68 -41.44 -4.00
C LYS B 50 3.86 -40.16 -3.88
N VAL B 51 3.71 -39.72 -2.64
CA VAL B 51 2.90 -38.55 -2.31
C VAL B 51 3.84 -37.36 -2.18
N GLU B 52 3.97 -36.58 -3.25
CA GLU B 52 4.76 -35.37 -3.20
C GLU B 52 4.17 -34.40 -2.18
N MET B 53 4.98 -33.96 -1.22
CA MET B 53 4.50 -33.13 -0.12
C MET B 53 5.32 -31.86 -0.01
N SER B 54 4.62 -30.75 0.23
CA SER B 54 5.23 -29.43 0.30
C SER B 54 6.34 -29.38 1.34
N ASP B 55 7.28 -28.46 1.14
CA ASP B 55 8.11 -28.02 2.23
C ASP B 55 7.26 -27.31 3.27
N MET B 56 7.74 -27.24 4.49
CA MET B 56 6.99 -26.63 5.57
C MET B 56 7.43 -25.19 5.79
N SER B 57 6.47 -24.28 5.73
CA SER B 57 6.64 -22.90 6.15
C SER B 57 5.58 -22.63 7.22
N PHE B 58 5.50 -21.38 7.66
CA PHE B 58 4.56 -21.05 8.73
C PHE B 58 3.88 -19.73 8.42
N SER B 59 2.65 -19.61 8.92
CA SER B 59 1.79 -18.48 8.61
C SER B 59 2.16 -17.26 9.45
N LYS B 60 1.45 -16.15 9.22
CA LYS B 60 1.73 -14.91 9.92
C LYS B 60 1.43 -15.00 11.41
N ASP B 61 0.61 -15.96 11.85
CA ASP B 61 0.37 -16.19 13.27
C ASP B 61 1.38 -17.15 13.88
N TRP B 62 2.39 -17.56 13.11
CA TRP B 62 3.49 -18.45 13.45
C TRP B 62 3.09 -19.92 13.40
N SER B 63 1.81 -20.26 13.29
CA SER B 63 1.44 -21.66 13.18
C SER B 63 2.00 -22.25 11.89
N PHE B 64 2.17 -23.57 11.88
CA PHE B 64 2.74 -24.24 10.73
C PHE B 64 1.66 -24.77 9.80
N TYR B 65 1.99 -24.84 8.51
CA TYR B 65 1.13 -25.47 7.52
C TYR B 65 1.99 -26.29 6.57
N ILE B 66 1.37 -27.30 5.96
CA ILE B 66 2.05 -28.15 4.99
C ILE B 66 1.01 -28.72 4.03
N LEU B 67 1.39 -28.85 2.76
CA LEU B 67 0.50 -29.27 1.71
C LEU B 67 0.88 -30.66 1.21
N ALA B 68 -0.08 -31.58 1.22
CA ALA B 68 0.09 -32.94 0.70
C ALA B 68 -0.75 -33.09 -0.56
N HIS B 69 -0.12 -33.53 -1.65
CA HIS B 69 -0.88 -33.70 -2.87
C HIS B 69 -0.30 -34.81 -3.73
N THR B 70 -1.19 -35.45 -4.50
CA THR B 70 -0.81 -36.47 -5.46
C THR B 70 -1.69 -36.33 -6.70
N GLU B 71 -1.11 -36.63 -7.86
CA GLU B 71 -1.90 -36.73 -9.07
C GLU B 71 -2.74 -38.00 -9.02
N PHE B 72 -3.93 -37.94 -9.61
CA PHE B 72 -4.80 -39.09 -9.58
C PHE B 72 -5.92 -38.91 -10.59
N THR B 73 -6.54 -40.03 -10.97
CA THR B 73 -7.72 -40.04 -11.84
C THR B 73 -8.89 -40.58 -11.04
N PRO B 74 -9.83 -39.74 -10.62
CA PRO B 74 -10.88 -40.20 -9.71
C PRO B 74 -11.85 -41.17 -10.38
N THR B 75 -12.33 -42.13 -9.60
CA THR B 75 -13.40 -43.04 -10.00
C THR B 75 -14.51 -42.98 -8.95
N GLU B 76 -15.75 -43.20 -9.40
CA GLU B 76 -16.94 -42.89 -8.62
C GLU B 76 -17.23 -43.90 -7.52
N THR B 77 -16.61 -45.07 -7.54
CA THR B 77 -16.77 -46.03 -6.45
C THR B 77 -15.71 -45.89 -5.36
N ASP B 78 -14.54 -45.35 -5.69
CA ASP B 78 -13.41 -45.35 -4.79
C ASP B 78 -13.38 -44.07 -3.95
N THR B 79 -12.99 -44.22 -2.68
CA THR B 79 -12.91 -43.12 -1.74
C THR B 79 -11.45 -42.87 -1.38
N TYR B 80 -11.11 -41.59 -1.21
CA TYR B 80 -9.75 -41.18 -0.86
C TYR B 80 -9.79 -40.39 0.43
N ALA B 81 -8.77 -40.58 1.26
CA ALA B 81 -8.76 -40.00 2.59
C ALA B 81 -7.34 -39.55 2.96
N CYS B 82 -7.25 -38.74 4.01
CA CYS B 82 -5.99 -38.22 4.51
C CYS B 82 -5.94 -38.49 6.01
N ARG B 83 -4.89 -39.17 6.47
CA ARG B 83 -4.72 -39.54 7.87
C ARG B 83 -3.51 -38.80 8.44
N VAL B 84 -3.71 -38.10 9.57
CA VAL B 84 -2.73 -37.16 10.11
C VAL B 84 -2.41 -37.53 11.56
N LYS B 85 -1.12 -37.49 11.90
CA LYS B 85 -0.63 -37.87 13.22
C LYS B 85 0.05 -36.66 13.86
N HIS B 86 -0.47 -36.21 14.99
CA HIS B 86 0.09 -35.07 15.70
C HIS B 86 0.03 -35.34 17.20
N ASP B 87 0.89 -34.64 17.95
CA ASP B 87 0.95 -34.81 19.40
C ASP B 87 -0.35 -34.38 20.06
N SER B 88 -0.91 -33.26 19.59
CA SER B 88 -2.08 -32.65 20.21
C SER B 88 -3.34 -33.47 20.07
N MET B 89 -3.30 -34.57 19.32
CA MET B 89 -4.44 -35.46 19.14
C MET B 89 -4.13 -36.81 19.80
N ALA B 90 -5.17 -37.41 20.39
CA ALA B 90 -5.02 -38.73 20.99
C ALA B 90 -4.65 -39.77 19.94
N GLU B 91 -5.51 -39.95 18.95
CA GLU B 91 -5.30 -40.93 17.89
C GLU B 91 -5.23 -40.21 16.55
N PRO B 92 -4.75 -40.85 15.49
CA PRO B 92 -4.69 -40.17 14.19
C PRO B 92 -6.08 -39.80 13.69
N LYS B 93 -6.17 -38.63 13.05
CA LYS B 93 -7.42 -38.12 12.49
C LYS B 93 -7.42 -38.31 10.99
N THR B 94 -8.53 -38.84 10.46
CA THR B 94 -8.67 -39.13 9.03
C THR B 94 -9.80 -38.28 8.45
N VAL B 95 -9.54 -37.65 7.31
CA VAL B 95 -10.51 -36.79 6.63
C VAL B 95 -10.74 -37.37 5.23
N TYR B 96 -12.00 -37.57 4.89
CA TYR B 96 -12.35 -38.14 3.59
C TYR B 96 -12.62 -37.05 2.58
N TRP B 97 -12.13 -37.25 1.35
CA TRP B 97 -12.46 -36.33 0.28
C TRP B 97 -13.90 -36.57 -0.16
N ASP B 98 -14.66 -35.49 -0.32
CA ASP B 98 -15.97 -35.58 -0.95
C ASP B 98 -15.98 -34.63 -2.14
N ARG B 99 -16.56 -35.08 -3.24
CA ARG B 99 -16.67 -34.27 -4.44
C ARG B 99 -17.70 -33.19 -4.32
N ASP B 100 -18.21 -32.94 -3.11
CA ASP B 100 -19.31 -31.99 -2.91
C ASP B 100 -18.85 -30.54 -2.73
N MET B 101 -18.08 -30.31 -1.67
CA MET B 101 -17.91 -28.97 -1.12
C MET B 101 -17.19 -29.07 0.22
N LYS C 1 18.57 -12.40 -0.69
CA LYS C 1 19.65 -13.04 0.06
C LYS C 1 19.32 -13.10 1.55
N ALA C 2 19.60 -14.27 2.14
CA ALA C 2 19.23 -14.54 3.52
C ALA C 2 19.87 -13.53 4.47
N PRO C 3 19.18 -13.16 5.55
CA PRO C 3 19.79 -12.27 6.54
C PRO C 3 20.87 -12.96 7.34
N TYR C 4 21.33 -12.33 8.43
CA TYR C 4 22.45 -12.84 9.18
C TYR C 4 22.50 -12.13 10.53
N ASN C 5 21.99 -12.78 11.57
CA ASN C 5 21.80 -12.13 12.86
C ASN C 5 23.12 -11.87 13.56
N ALA C 7 23.74 -10.26 17.53
CA ALA C 7 23.73 -10.72 18.91
C ALA C 7 22.66 -11.79 19.14
N THR C 8 22.99 -12.80 19.95
CA THR C 8 22.03 -13.82 20.28
C THR C 8 20.98 -13.27 21.24
N MET C 9 20.08 -14.14 21.68
CA MET C 9 19.00 -13.71 22.55
C MET C 9 19.45 -13.78 24.00
N HIS D 3 -5.88 3.25 -7.65
CA HIS D 3 -6.93 4.17 -8.11
C HIS D 3 -7.64 4.82 -6.92
N SER D 4 -7.98 6.09 -7.07
CA SER D 4 -8.56 6.85 -5.98
C SER D 4 -9.55 7.88 -6.52
N MET D 5 -10.34 8.43 -5.61
CA MET D 5 -11.28 9.51 -5.92
C MET D 5 -11.46 10.33 -4.66
N ARG D 6 -11.44 11.66 -4.81
CA ARG D 6 -11.53 12.56 -3.67
C ARG D 6 -12.46 13.72 -4.01
N TYR D 7 -12.83 14.47 -2.99
CA TYR D 7 -13.66 15.66 -3.14
C TYR D 7 -13.19 16.71 -2.14
N PHE D 8 -12.60 17.78 -2.65
CA PHE D 8 -12.01 18.84 -1.83
C PHE D 8 -12.98 20.00 -1.80
N GLU D 9 -13.84 20.01 -0.78
CA GLU D 9 -14.80 21.09 -0.58
C GLU D 9 -14.23 22.14 0.36
N THR D 10 -14.43 23.41 0.01
CA THR D 10 -13.96 24.55 0.80
C THR D 10 -15.06 25.59 0.89
N ALA D 11 -15.13 26.27 2.03
CA ALA D 11 -16.05 27.39 2.22
C ALA D 11 -15.34 28.45 3.04
N VAL D 12 -15.38 29.70 2.56
CA VAL D 12 -14.70 30.82 3.20
C VAL D 12 -15.73 31.93 3.38
N SER D 13 -16.08 32.22 4.63
CA SER D 13 -16.83 33.43 4.93
C SER D 13 -15.88 34.62 4.96
N ARG D 14 -16.40 35.77 4.55
CA ARG D 14 -15.64 37.01 4.49
C ARG D 14 -16.40 38.11 5.21
N PRO D 15 -15.69 39.13 5.70
CA PRO D 15 -16.40 40.21 6.42
C PRO D 15 -17.40 40.96 5.55
N GLY D 16 -16.99 41.36 4.34
CA GLY D 16 -17.85 42.20 3.52
C GLY D 16 -18.95 41.46 2.77
N LEU D 17 -18.73 40.19 2.47
CA LEU D 17 -19.68 39.43 1.67
C LEU D 17 -20.90 39.03 2.51
N GLU D 18 -21.99 38.72 1.82
CA GLU D 18 -23.20 38.26 2.48
C GLU D 18 -23.11 36.76 2.79
N GLU D 19 -22.92 35.95 1.75
CA GLU D 19 -22.74 34.52 1.94
C GLU D 19 -21.28 34.13 1.73
N PRO D 20 -20.82 33.10 2.42
CA PRO D 20 -19.48 32.55 2.13
C PRO D 20 -19.45 31.90 0.76
N ARG D 21 -18.23 31.74 0.23
CA ARG D 21 -18.02 31.13 -1.07
C ARG D 21 -17.69 29.65 -0.90
N TYR D 22 -18.46 28.80 -1.55
CA TYR D 22 -18.27 27.35 -1.49
C TYR D 22 -17.64 26.87 -2.79
N ILE D 23 -16.53 26.15 -2.67
CA ILE D 23 -15.87 25.52 -3.80
C ILE D 23 -15.64 24.05 -3.46
N SER D 24 -15.91 23.18 -4.43
CA SER D 24 -15.70 21.75 -4.26
C SER D 24 -15.15 21.20 -5.57
N VAL D 25 -13.96 20.59 -5.50
CA VAL D 25 -13.29 20.03 -6.66
C VAL D 25 -13.17 18.53 -6.46
N GLY D 26 -13.56 17.77 -7.47
CA GLY D 26 -13.47 16.32 -7.43
C GLY D 26 -12.29 15.83 -8.24
N TYR D 27 -11.61 14.81 -7.71
CA TYR D 27 -10.43 14.23 -8.35
C TYR D 27 -10.65 12.74 -8.59
N VAL D 28 -9.90 12.22 -9.55
CA VAL D 28 -9.82 10.78 -9.77
C VAL D 28 -8.40 10.47 -10.21
N ASP D 29 -7.72 9.58 -9.49
CA ASP D 29 -6.29 9.34 -9.68
C ASP D 29 -5.53 10.66 -9.67
N ASN D 30 -5.96 11.57 -8.80
CA ASN D 30 -5.33 12.87 -8.62
C ASN D 30 -5.31 13.69 -9.93
N LYS D 31 -6.30 13.48 -10.77
CA LYS D 31 -6.56 14.30 -11.94
C LYS D 31 -7.95 14.89 -11.81
N GLU D 32 -8.04 16.22 -11.72
CA GLU D 32 -9.32 16.87 -11.52
C GLU D 32 -10.31 16.77 -12.66
N PHE D 33 -11.54 16.34 -12.33
CA PHE D 33 -12.54 16.03 -13.35
C PHE D 33 -13.87 16.74 -13.18
N VAL D 34 -14.19 17.30 -12.02
CA VAL D 34 -15.37 18.15 -11.84
C VAL D 34 -14.99 19.34 -10.97
N ARG D 35 -15.85 20.36 -10.97
CA ARG D 35 -15.62 21.55 -10.16
C ARG D 35 -16.91 22.32 -9.97
N PHE D 36 -17.22 22.64 -8.71
CA PHE D 36 -18.34 23.50 -8.37
C PHE D 36 -17.82 24.79 -7.73
N ASP D 37 -18.46 25.90 -8.06
CA ASP D 37 -18.13 27.20 -7.46
C ASP D 37 -19.40 27.99 -7.26
N SER D 38 -19.49 28.66 -6.10
CA SER D 38 -20.71 29.39 -5.76
C SER D 38 -20.83 30.72 -6.49
N ASP D 39 -19.71 31.30 -6.92
CA ASP D 39 -19.71 32.56 -7.65
C ASP D 39 -19.48 32.27 -9.12
N ALA D 40 -20.55 32.28 -9.90
CA ALA D 40 -20.45 31.97 -11.33
C ALA D 40 -21.66 32.55 -12.05
N GLU D 41 -21.65 32.40 -13.38
CA GLU D 41 -22.80 32.65 -14.23
C GLU D 41 -24.08 32.13 -13.58
N ASN D 42 -24.10 30.85 -13.27
CA ASN D 42 -24.99 30.24 -12.27
C ASN D 42 -24.28 28.98 -11.80
N PRO D 43 -23.99 28.87 -10.50
CA PRO D 43 -23.23 27.73 -10.00
C PRO D 43 -23.73 26.38 -10.52
N ARG D 44 -22.82 25.63 -11.13
CA ARG D 44 -23.13 24.30 -11.64
C ARG D 44 -21.85 23.47 -11.62
N TYR D 45 -21.99 22.18 -11.30
CA TYR D 45 -20.86 21.26 -11.43
C TYR D 45 -20.53 21.11 -12.90
N GLU D 46 -19.45 21.73 -13.32
CA GLU D 46 -19.01 21.63 -14.70
C GLU D 46 -17.98 20.51 -14.85
N PRO D 47 -17.87 19.91 -16.03
CA PRO D 47 -16.80 18.94 -16.26
C PRO D 47 -15.47 19.64 -16.47
N ARG D 48 -14.41 19.01 -15.96
CA ARG D 48 -13.05 19.53 -16.12
C ARG D 48 -12.14 18.53 -16.83
N ALA D 49 -12.69 17.44 -17.36
CA ALA D 49 -11.95 16.42 -18.06
C ALA D 49 -12.57 16.17 -19.43
N PRO D 50 -11.76 15.84 -20.43
CA PRO D 50 -12.32 15.58 -21.77
C PRO D 50 -13.24 14.37 -21.80
N TRP D 51 -12.97 13.36 -21.00
CA TRP D 51 -13.78 12.14 -20.96
C TRP D 51 -15.03 12.27 -20.09
N MET D 52 -15.23 13.42 -19.44
CA MET D 52 -16.34 13.57 -18.50
C MET D 52 -17.62 14.06 -19.17
N GLU D 53 -17.52 14.88 -20.22
CA GLU D 53 -18.70 15.41 -20.90
C GLU D 53 -19.56 14.31 -21.50
N GLN D 54 -19.07 13.07 -21.57
CA GLN D 54 -19.83 11.99 -22.18
C GLN D 54 -21.05 11.59 -21.36
N GLU D 55 -21.07 11.90 -20.06
CA GLU D 55 -22.17 11.49 -19.20
C GLU D 55 -23.30 12.52 -19.24
N GLY D 56 -24.52 12.03 -19.11
CA GLY D 56 -25.71 12.79 -19.44
C GLY D 56 -26.02 13.97 -18.55
N PRO D 57 -27.17 14.61 -18.80
CA PRO D 57 -27.52 15.84 -18.07
C PRO D 57 -28.15 15.58 -16.70
N GLU D 58 -28.87 14.47 -16.58
CA GLU D 58 -29.47 14.13 -15.29
C GLU D 58 -28.42 13.92 -14.22
N TYR D 59 -27.19 13.60 -14.59
CA TYR D 59 -26.09 13.52 -13.63
C TYR D 59 -25.52 14.89 -13.30
N TRP D 60 -25.73 15.90 -14.17
CA TRP D 60 -25.31 17.25 -13.86
C TRP D 60 -26.27 17.98 -12.95
N GLU D 61 -27.49 17.46 -12.76
CA GLU D 61 -28.52 18.10 -11.96
C GLU D 61 -28.58 17.59 -10.53
N ARG D 62 -28.42 16.29 -10.31
CA ARG D 62 -28.38 15.77 -8.96
C ARG D 62 -27.14 16.27 -8.22
N GLU D 63 -26.02 16.39 -8.92
CA GLU D 63 -24.79 16.87 -8.28
C GLU D 63 -24.87 18.36 -7.96
N THR D 64 -25.36 19.16 -8.92
CA THR D 64 -25.47 20.59 -8.69
C THR D 64 -26.35 20.90 -7.48
N GLN D 65 -27.50 20.22 -7.38
CA GLN D 65 -28.36 20.40 -6.22
C GLN D 65 -27.82 19.70 -4.97
N LYS D 66 -26.93 18.72 -5.14
CA LYS D 66 -26.18 18.23 -3.99
C LYS D 66 -25.22 19.30 -3.49
N ALA D 67 -24.65 20.08 -4.41
CA ALA D 67 -23.78 21.18 -4.01
C ALA D 67 -24.56 22.31 -3.38
N LYS D 68 -25.76 22.59 -3.91
CA LYS D 68 -26.63 23.57 -3.26
C LYS D 68 -26.97 23.18 -1.84
N GLY D 69 -26.96 21.88 -1.54
CA GLY D 69 -27.28 21.42 -0.20
C GLY D 69 -26.10 21.46 0.75
N GLN D 70 -24.89 21.22 0.24
CA GLN D 70 -23.71 21.37 1.06
C GLN D 70 -23.26 22.82 1.19
N GLU D 71 -23.57 23.65 0.19
CA GLU D 71 -23.18 25.05 0.23
C GLU D 71 -23.66 25.72 1.52
N GLN D 72 -24.93 25.50 1.86
CA GLN D 72 -25.48 26.06 3.10
C GLN D 72 -25.11 25.20 4.32
N TRP D 73 -24.90 23.88 4.13
CA TRP D 73 -24.39 23.05 5.22
C TRP D 73 -23.06 23.60 5.73
N PHE D 74 -22.22 24.11 4.83
CA PHE D 74 -20.99 24.76 5.28
C PHE D 74 -21.28 26.13 5.87
N ARG D 75 -22.24 26.86 5.29
CA ARG D 75 -22.56 28.19 5.77
C ARG D 75 -23.08 28.15 7.20
N VAL D 76 -23.91 27.17 7.52
CA VAL D 76 -24.42 27.07 8.89
C VAL D 76 -23.32 26.60 9.84
N SER D 77 -22.56 25.58 9.42
CA SER D 77 -21.52 25.06 10.30
C SER D 77 -20.44 26.10 10.57
N LEU D 78 -20.21 27.02 9.64
CA LEU D 78 -19.33 28.15 9.93
C LEU D 78 -19.92 28.99 11.05
N ARG D 79 -21.18 29.39 10.93
CA ARG D 79 -21.84 30.16 11.98
C ARG D 79 -21.91 29.36 13.29
N ASN D 80 -22.02 28.04 13.19
CA ASN D 80 -21.94 27.21 14.38
C ASN D 80 -20.56 27.29 15.01
N LEU D 81 -19.52 27.33 14.18
CA LEU D 81 -18.16 27.32 14.70
C LEU D 81 -17.76 28.63 15.36
N LEU D 82 -18.43 29.74 15.02
CA LEU D 82 -18.12 31.01 15.68
C LEU D 82 -18.39 30.92 17.18
N GLY D 83 -19.50 30.31 17.57
CA GLY D 83 -19.81 30.20 18.98
C GLY D 83 -18.98 29.17 19.70
N TYR D 84 -18.48 28.17 18.98
CA TYR D 84 -17.66 27.14 19.62
C TYR D 84 -16.31 27.68 20.08
N TYR D 85 -15.79 28.69 19.37
CA TYR D 85 -14.47 29.25 19.66
C TYR D 85 -14.55 30.67 20.19
N ASN D 86 -15.76 31.19 20.44
CA ASN D 86 -15.97 32.54 20.95
C ASN D 86 -15.24 33.58 20.12
N GLN D 87 -15.39 33.47 18.80
CA GLN D 87 -14.89 34.48 17.87
C GLN D 87 -16.00 35.49 17.62
N SER D 88 -15.67 36.78 17.64
CA SER D 88 -16.74 37.78 17.48
C SER D 88 -16.72 38.04 15.97
N ALA D 89 -17.49 39.05 15.57
CA ALA D 89 -17.83 39.31 14.19
C ALA D 89 -16.86 40.35 13.62
N GLY D 90 -16.25 40.04 12.48
CA GLY D 90 -15.34 40.97 11.85
C GLY D 90 -14.13 40.29 11.26
N GLY D 91 -13.93 39.01 11.59
CA GLY D 91 -12.89 38.20 10.98
C GLY D 91 -13.43 37.39 9.81
N SER D 92 -12.55 36.55 9.27
CA SER D 92 -12.88 35.74 8.09
C SER D 92 -12.26 34.36 8.26
N HIS D 93 -13.04 33.32 7.98
CA HIS D 93 -12.69 31.97 8.40
C HIS D 93 -12.91 30.99 7.26
N THR D 94 -12.25 29.83 7.36
CA THR D 94 -12.32 28.80 6.33
C THR D 94 -12.73 27.46 6.95
N LEU D 95 -13.65 26.78 6.26
CA LEU D 95 -14.04 25.42 6.61
C LEU D 95 -13.71 24.53 5.43
N GLN D 96 -12.94 23.47 5.67
CA GLN D 96 -12.47 22.58 4.63
C GLN D 96 -12.93 21.16 4.90
N GLN D 97 -13.18 20.43 3.83
CA GLN D 97 -13.56 19.03 3.92
C GLN D 97 -12.82 18.25 2.85
N MET D 98 -12.40 17.03 3.21
CA MET D 98 -11.72 16.14 2.28
C MET D 98 -12.32 14.75 2.45
N SER D 99 -13.06 14.30 1.43
CA SER D 99 -13.67 12.98 1.41
C SER D 99 -13.12 12.19 0.24
N GLY D 100 -13.24 10.87 0.32
CA GLY D 100 -12.81 10.04 -0.77
C GLY D 100 -12.54 8.61 -0.34
N CYS D 101 -12.37 7.75 -1.34
CA CYS D 101 -12.12 6.33 -1.12
C CYS D 101 -10.87 5.91 -1.88
N ASP D 102 -10.31 4.77 -1.46
CA ASP D 102 -9.10 4.21 -2.05
C ASP D 102 -9.36 2.77 -2.43
N LEU D 103 -9.37 2.49 -3.73
CA LEU D 103 -9.61 1.14 -4.23
C LEU D 103 -8.32 0.54 -4.77
N GLY D 104 -8.15 -0.76 -4.56
CA GLY D 104 -6.98 -1.49 -5.00
C GLY D 104 -7.19 -2.17 -6.34
N SER D 105 -6.22 -2.99 -6.71
CA SER D 105 -6.23 -3.69 -8.00
C SER D 105 -7.33 -4.74 -8.09
N ASP D 106 -8.09 -4.98 -7.02
CA ASP D 106 -9.21 -5.90 -7.04
C ASP D 106 -10.55 -5.19 -7.10
N TRP D 107 -10.55 -3.85 -7.15
CA TRP D 107 -11.74 -3.00 -7.17
C TRP D 107 -12.50 -3.00 -5.85
N ARG D 108 -11.87 -3.46 -4.78
CA ARG D 108 -12.48 -3.43 -3.44
C ARG D 108 -11.83 -2.31 -2.61
N LEU D 109 -12.58 -1.80 -1.65
CA LEU D 109 -12.15 -0.65 -0.87
C LEU D 109 -11.12 -1.06 0.18
N LEU D 110 -10.00 -0.33 0.21
CA LEU D 110 -8.98 -0.53 1.24
C LEU D 110 -9.17 0.45 2.40
N ARG D 111 -9.37 1.73 2.09
CA ARG D 111 -9.53 2.74 3.12
C ARG D 111 -10.46 3.84 2.62
N GLY D 112 -11.40 4.25 3.48
CA GLY D 112 -12.20 5.42 3.24
C GLY D 112 -11.67 6.61 4.01
N TYR D 113 -12.07 7.80 3.58
CA TYR D 113 -11.54 9.03 4.16
C TYR D 113 -12.65 10.04 4.39
N LEU D 114 -12.57 10.72 5.54
CA LEU D 114 -13.45 11.85 5.81
C LEU D 114 -12.77 12.71 6.85
N GLN D 115 -12.44 13.94 6.48
CA GLN D 115 -11.74 14.86 7.37
C GLN D 115 -12.33 16.25 7.22
N PHE D 116 -12.34 16.98 8.32
CA PHE D 116 -12.76 18.37 8.34
C PHE D 116 -11.67 19.20 9.01
N ALA D 117 -11.41 20.37 8.46
CA ALA D 117 -10.47 21.30 9.06
C ALA D 117 -11.10 22.67 9.16
N TYR D 118 -10.87 23.32 10.30
CA TYR D 118 -11.33 24.69 10.53
C TYR D 118 -10.09 25.58 10.63
N GLU D 119 -10.12 26.70 9.90
CA GLU D 119 -8.99 27.62 9.84
C GLU D 119 -7.72 26.92 9.34
N GLY D 120 -7.88 25.93 8.47
CA GLY D 120 -6.72 25.17 8.01
C GLY D 120 -6.02 24.37 9.09
N ARG D 121 -6.72 24.00 10.16
CA ARG D 121 -6.16 23.16 11.21
C ARG D 121 -7.13 22.02 11.50
N ASP D 122 -6.57 20.86 11.86
CA ASP D 122 -7.37 19.65 12.03
C ASP D 122 -8.49 19.87 13.02
N TYR D 123 -9.70 19.43 12.65
CA TYR D 123 -10.87 19.60 13.50
C TYR D 123 -11.46 18.25 13.89
N ILE D 124 -12.00 17.49 12.94
CA ILE D 124 -12.58 16.18 13.22
C ILE D 124 -12.31 15.29 12.02
N ALA D 125 -12.21 13.98 12.28
CA ALA D 125 -11.88 13.05 11.23
C ALA D 125 -12.49 11.69 11.52
N LEU D 126 -13.01 11.05 10.48
CA LEU D 126 -13.37 9.65 10.56
C LEU D 126 -12.10 8.81 10.56
N ASN D 127 -12.10 7.74 11.35
CA ASN D 127 -10.92 6.89 11.48
C ASN D 127 -11.01 5.70 10.54
N GLU D 128 -9.92 4.93 10.49
CA GLU D 128 -9.81 3.82 9.55
C GLU D 128 -10.77 2.68 9.86
N ASP D 129 -11.56 2.75 10.94
CA ASP D 129 -12.63 1.81 11.19
C ASP D 129 -14.00 2.36 10.82
N LEU D 130 -14.08 3.64 10.44
CA LEU D 130 -15.28 4.23 9.84
C LEU D 130 -16.45 4.68 10.72
N LYS D 131 -16.30 4.48 12.03
CA LYS D 131 -17.36 4.45 13.03
C LYS D 131 -16.97 5.33 14.21
N THR D 132 -15.73 5.81 14.22
CA THR D 132 -15.20 6.64 15.29
C THR D 132 -14.75 7.98 14.75
N TRP D 133 -14.54 8.92 15.67
CA TRP D 133 -14.07 10.25 15.33
C TRP D 133 -12.93 10.62 16.27
N THR D 134 -11.96 11.36 15.73
CA THR D 134 -10.79 11.78 16.51
C THR D 134 -10.84 13.13 17.22
N ALA D 135 -11.09 14.20 16.46
CA ALA D 135 -11.42 15.53 16.98
C ALA D 135 -10.81 16.52 17.98
N ALA D 136 -9.53 16.84 17.80
CA ALA D 136 -8.49 17.22 18.75
C ALA D 136 -8.94 18.31 19.72
N ASP D 137 -9.51 19.39 19.21
CA ASP D 137 -9.84 20.55 20.03
C ASP D 137 -10.86 20.20 21.12
N MET D 138 -10.89 21.03 22.16
CA MET D 138 -11.98 20.94 23.12
C MET D 138 -13.27 21.47 22.52
N ALA D 139 -13.17 22.41 21.58
CA ALA D 139 -14.35 22.87 20.86
C ALA D 139 -14.89 21.79 19.95
N ALA D 140 -14.03 20.93 19.41
CA ALA D 140 -14.47 19.97 18.41
C ALA D 140 -15.22 18.80 19.02
N GLN D 141 -15.15 18.62 20.34
CA GLN D 141 -15.83 17.49 20.95
C GLN D 141 -17.32 17.72 21.11
N ILE D 142 -17.79 18.97 21.04
CA ILE D 142 -19.22 19.25 21.00
C ILE D 142 -19.87 18.50 19.84
N THR D 143 -19.36 18.74 18.63
CA THR D 143 -19.92 18.10 17.45
C THR D 143 -19.60 16.61 17.39
N ARG D 144 -18.48 16.20 18.00
CA ARG D 144 -18.21 14.76 18.07
C ARG D 144 -19.26 14.05 18.88
N ARG D 145 -19.64 14.62 20.04
CA ARG D 145 -20.80 14.10 20.77
C ARG D 145 -22.05 14.19 19.90
N LYS D 146 -22.18 15.25 19.11
CA LYS D 146 -23.34 15.41 18.25
C LYS D 146 -23.38 14.34 17.16
N TRP D 147 -22.22 14.04 16.56
CA TRP D 147 -22.20 13.10 15.45
C TRP D 147 -22.19 11.65 15.91
N GLU D 148 -21.55 11.36 17.05
CA GLU D 148 -21.58 10.01 17.59
C GLU D 148 -22.96 9.65 18.11
N GLN D 149 -23.74 10.65 18.52
CA GLN D 149 -25.09 10.41 19.04
C GLN D 149 -26.16 10.41 17.96
N SER D 150 -25.81 10.75 16.72
CA SER D 150 -26.75 10.70 15.60
C SER D 150 -26.29 9.74 14.50
N GLY D 151 -25.25 8.95 14.75
CA GLY D 151 -24.83 7.94 13.81
C GLY D 151 -24.36 8.44 12.47
N ALA D 152 -23.89 9.69 12.39
CA ALA D 152 -23.41 10.23 11.12
C ALA D 152 -22.28 9.39 10.56
N ALA D 153 -21.49 8.74 11.42
CA ALA D 153 -20.44 7.85 10.95
C ALA D 153 -21.03 6.71 10.11
N GLU D 154 -22.13 6.12 10.58
CA GLU D 154 -22.78 5.08 9.78
C GLU D 154 -23.26 5.63 8.44
N HIS D 155 -23.64 6.91 8.41
CA HIS D 155 -24.08 7.52 7.16
C HIS D 155 -22.93 7.64 6.16
N TYR D 156 -21.80 8.19 6.60
CA TYR D 156 -20.66 8.35 5.72
C TYR D 156 -20.13 7.00 5.24
N LYS D 157 -20.12 6.00 6.14
CA LYS D 157 -19.64 4.68 5.77
C LYS D 157 -20.44 4.10 4.60
N ALA D 158 -21.73 4.42 4.53
CA ALA D 158 -22.54 3.96 3.40
C ALA D 158 -22.07 4.60 2.09
N TYR D 159 -21.75 5.89 2.12
CA TYR D 159 -21.29 6.55 0.91
C TYR D 159 -19.91 6.06 0.51
N LEU D 160 -18.98 5.99 1.47
CA LEU D 160 -17.61 5.64 1.15
C LEU D 160 -17.50 4.21 0.64
N GLU D 161 -18.18 3.28 1.28
CA GLU D 161 -18.16 1.88 0.85
C GLU D 161 -19.16 1.59 -0.27
N GLY D 162 -19.97 2.57 -0.65
CA GLY D 162 -21.02 2.33 -1.63
C GLY D 162 -20.93 3.20 -2.86
N GLU D 163 -21.52 4.40 -2.81
CA GLU D 163 -21.52 5.27 -3.98
C GLU D 163 -20.11 5.64 -4.42
N CYS D 164 -19.18 5.78 -3.47
CA CYS D 164 -17.80 6.12 -3.81
C CYS D 164 -17.15 5.04 -4.65
N VAL D 165 -17.12 3.81 -4.13
CA VAL D 165 -16.41 2.73 -4.79
C VAL D 165 -17.04 2.43 -6.15
N GLU D 166 -18.36 2.52 -6.24
CA GLU D 166 -19.06 2.10 -7.46
C GLU D 166 -18.87 3.10 -8.58
N TRP D 167 -19.16 4.37 -8.32
CA TRP D 167 -19.09 5.35 -9.39
C TRP D 167 -17.68 5.85 -9.66
N LEU D 168 -16.70 5.46 -8.84
CA LEU D 168 -15.31 5.63 -9.24
C LEU D 168 -14.95 4.64 -10.33
N HIS D 169 -15.43 3.39 -10.20
CA HIS D 169 -15.17 2.39 -11.24
C HIS D 169 -15.88 2.75 -12.54
N ARG D 170 -17.10 3.31 -12.44
CA ARG D 170 -17.82 3.72 -13.65
C ARG D 170 -17.09 4.85 -14.37
N TYR D 171 -16.30 5.65 -13.65
CA TYR D 171 -15.50 6.68 -14.30
C TYR D 171 -14.37 6.07 -15.11
N LEU D 172 -13.62 5.16 -14.50
CA LEU D 172 -12.50 4.51 -15.19
C LEU D 172 -12.93 3.74 -16.42
N LYS D 173 -14.23 3.48 -16.59
CA LYS D 173 -14.73 2.85 -17.81
C LYS D 173 -14.61 3.76 -19.03
N ASN D 174 -14.24 5.02 -18.84
CA ASN D 174 -14.03 5.94 -19.96
C ASN D 174 -12.56 6.30 -20.09
N ARG D 181 -1.92 6.64 -20.11
CA ARG D 181 -1.72 6.76 -18.67
C ARG D 181 -0.26 7.03 -18.33
N THR D 182 0.24 6.30 -17.32
CA THR D 182 1.56 6.46 -16.73
C THR D 182 2.66 6.88 -17.70
N ASP D 183 3.20 8.08 -17.51
CA ASP D 183 4.30 8.59 -18.32
C ASP D 183 5.56 8.65 -17.46
N SER D 184 6.66 8.14 -18.01
CA SER D 184 7.90 7.93 -17.28
C SER D 184 8.77 9.18 -17.29
N PRO D 185 9.68 9.31 -16.32
CA PRO D 185 10.50 10.52 -16.25
C PRO D 185 11.68 10.48 -17.20
N LYS D 186 11.92 11.61 -17.86
CA LYS D 186 13.13 11.85 -18.63
C LYS D 186 14.06 12.73 -17.79
N ALA D 187 15.33 12.34 -17.70
CA ALA D 187 16.25 12.93 -16.74
C ALA D 187 17.56 13.33 -17.39
N HIS D 188 18.18 14.38 -16.83
CA HIS D 188 19.52 14.81 -17.22
C HIS D 188 20.14 15.54 -16.04
N VAL D 189 21.44 15.78 -16.15
CA VAL D 189 22.20 16.50 -15.13
C VAL D 189 23.02 17.60 -15.80
N THR D 190 23.06 18.78 -15.17
CA THR D 190 23.81 19.90 -15.72
C THR D 190 24.82 20.41 -14.70
N HIS D 191 25.88 21.03 -15.22
CA HIS D 191 27.14 21.22 -14.53
C HIS D 191 27.46 22.69 -14.20
N HIS D 192 26.44 23.46 -13.85
CA HIS D 192 26.61 24.90 -13.63
C HIS D 192 27.59 25.15 -12.49
N PRO D 193 28.72 25.83 -12.74
CA PRO D 193 29.72 26.01 -11.68
C PRO D 193 29.27 27.04 -10.65
N ARG D 194 29.47 26.69 -9.38
CA ARG D 194 29.06 27.55 -8.27
C ARG D 194 30.22 28.38 -7.76
N VAL D 199 31.31 24.40 -7.32
CA VAL D 199 30.72 23.69 -8.45
C VAL D 199 29.63 22.75 -7.99
N THR D 200 28.41 22.90 -8.51
CA THR D 200 27.30 22.01 -8.22
C THR D 200 26.90 21.23 -9.48
N LEU D 201 26.32 20.05 -9.27
CA LEU D 201 25.81 19.21 -10.34
C LEU D 201 24.34 18.93 -10.05
N ARG D 202 23.44 19.43 -10.89
CA ARG D 202 22.01 19.41 -10.59
C ARG D 202 21.32 18.30 -11.37
N CYS D 203 20.52 17.49 -10.68
CA CYS D 203 19.82 16.37 -11.29
C CYS D 203 18.35 16.75 -11.50
N TRP D 204 17.92 16.73 -12.75
CA TRP D 204 16.54 17.02 -13.12
C TRP D 204 15.82 15.75 -13.54
N ALA D 205 14.51 15.76 -13.38
CA ALA D 205 13.64 14.71 -13.90
C ALA D 205 12.35 15.36 -14.36
N LEU D 206 12.01 15.18 -15.63
CA LEU D 206 10.95 15.98 -16.24
C LEU D 206 9.99 15.11 -17.03
N GLY D 207 8.75 15.57 -17.13
CA GLY D 207 7.73 14.89 -17.90
C GLY D 207 7.37 13.52 -17.37
N PHE D 208 7.01 13.42 -16.10
CA PHE D 208 6.58 12.15 -15.52
C PHE D 208 5.18 12.28 -14.94
N TYR D 209 4.58 11.12 -14.64
CA TYR D 209 3.21 11.02 -14.15
C TYR D 209 2.99 9.61 -13.59
N PRO D 210 2.38 9.48 -12.39
CA PRO D 210 1.92 10.55 -11.49
C PRO D 210 3.07 11.25 -10.77
N ALA D 211 2.73 12.19 -9.88
CA ALA D 211 3.73 13.03 -9.24
C ALA D 211 4.61 12.29 -8.24
N ASP D 212 4.30 11.03 -7.92
CA ASP D 212 5.11 10.27 -6.98
C ASP D 212 6.43 9.87 -7.63
N ILE D 213 7.54 10.37 -7.09
CA ILE D 213 8.87 10.09 -7.64
C ILE D 213 9.90 10.36 -6.54
N THR D 214 11.11 9.82 -6.71
CA THR D 214 12.18 9.92 -5.73
C THR D 214 13.51 10.08 -6.44
N LEU D 215 14.30 11.07 -6.01
CA LEU D 215 15.67 11.28 -6.48
C LEU D 215 16.63 11.25 -5.30
N THR D 216 17.73 10.50 -5.45
CA THR D 216 18.75 10.44 -4.41
C THR D 216 20.13 10.60 -5.06
N TRP D 217 21.09 11.08 -4.26
CA TRP D 217 22.45 11.30 -4.71
C TRP D 217 23.39 10.30 -4.04
N GLN D 218 24.23 9.66 -4.85
CA GLN D 218 25.19 8.70 -4.32
C GLN D 218 26.62 9.19 -4.50
N GLY D 221 28.96 5.56 -3.01
CA GLY D 221 27.73 4.83 -2.71
C GLY D 221 27.14 5.16 -1.35
N GLU D 222 26.49 6.32 -1.26
CA GLU D 222 25.86 6.76 -0.03
C GLU D 222 24.79 7.80 -0.37
N GLU D 223 23.61 7.63 0.20
CA GLU D 223 22.49 8.54 -0.08
C GLU D 223 22.73 9.94 0.48
N GLN D 226 22.99 14.19 4.19
CA GLN D 226 23.57 15.52 4.41
C GLN D 226 22.77 16.59 3.67
N ASP D 227 23.40 17.74 3.45
CA ASP D 227 22.73 18.88 2.82
C ASP D 227 22.56 18.51 1.35
N MET D 228 21.38 18.03 0.99
CA MET D 228 20.98 17.78 -0.40
C MET D 228 19.61 18.43 -0.59
N GLU D 229 19.60 19.68 -1.04
CA GLU D 229 18.36 20.43 -1.15
C GLU D 229 17.57 19.96 -2.37
N LEU D 230 16.35 19.49 -2.12
CA LEU D 230 15.41 19.11 -3.16
C LEU D 230 14.38 20.23 -3.34
N VAL D 231 13.40 20.01 -4.21
CA VAL D 231 12.33 20.98 -4.45
C VAL D 231 10.99 20.26 -4.46
N GLU D 232 9.93 21.04 -4.27
CA GLU D 232 8.57 20.52 -4.38
C GLU D 232 8.37 19.87 -5.74
N THR D 233 7.82 18.66 -5.75
CA THR D 233 7.38 18.06 -7.00
C THR D 233 6.42 19.13 -7.49
N ARG D 234 6.70 19.72 -8.64
CA ARG D 234 5.83 20.76 -9.16
C ARG D 234 5.21 20.36 -10.49
N PRO D 235 4.02 20.84 -10.79
CA PRO D 235 3.42 20.60 -12.10
C PRO D 235 4.03 21.48 -13.17
N ALA D 236 4.13 20.93 -14.37
CA ALA D 236 4.41 21.73 -15.55
C ALA D 236 3.08 22.21 -16.11
N GLY D 237 3.09 22.83 -17.29
CA GLY D 237 1.85 23.30 -17.87
C GLY D 237 0.89 22.16 -18.19
N ASP D 238 1.37 21.17 -18.94
CA ASP D 238 0.56 20.03 -19.33
C ASP D 238 0.36 19.11 -18.13
N GLY D 239 -0.25 17.96 -18.36
CA GLY D 239 -0.59 17.05 -17.28
C GLY D 239 0.59 16.25 -16.74
N THR D 240 1.77 16.88 -16.70
CA THR D 240 2.98 16.20 -16.26
C THR D 240 3.68 17.05 -15.21
N PHE D 241 4.61 16.43 -14.49
CA PHE D 241 5.31 17.07 -13.39
C PHE D 241 6.82 17.02 -13.62
N GLN D 242 7.53 17.88 -12.88
CA GLN D 242 8.98 17.96 -12.92
C GLN D 242 9.51 18.12 -11.51
N LYS D 243 10.82 17.92 -11.35
CA LYS D 243 11.44 17.95 -10.03
C LYS D 243 12.96 17.88 -10.20
N TRP D 244 13.68 18.55 -9.32
CA TRP D 244 15.13 18.45 -9.30
C TRP D 244 15.65 18.56 -7.87
N ALA D 245 16.80 17.94 -7.64
CA ALA D 245 17.53 18.03 -6.37
C ALA D 245 19.02 17.99 -6.70
N SER D 246 19.84 18.54 -5.80
CA SER D 246 21.27 18.55 -6.06
C SER D 246 22.06 18.85 -4.81
N VAL D 247 23.37 18.61 -4.91
CA VAL D 247 24.36 18.99 -3.90
C VAL D 247 25.49 19.76 -4.57
N PRO D 250 34.78 19.97 -3.99
CA PRO D 250 35.17 19.08 -5.09
C PRO D 250 35.68 19.84 -6.31
N LEU D 251 34.76 20.31 -7.14
CA LEU D 251 35.00 21.07 -8.37
C LEU D 251 35.47 20.19 -9.53
N GLY D 252 35.76 18.91 -9.28
CA GLY D 252 36.39 18.07 -10.28
C GLY D 252 36.11 16.59 -10.11
N LYS D 253 35.10 16.25 -9.31
CA LYS D 253 34.72 14.87 -9.04
C LYS D 253 33.60 14.34 -9.92
N GLU D 254 33.51 14.82 -11.16
CA GLU D 254 32.46 14.38 -12.07
C GLU D 254 32.63 12.89 -12.36
N GLN D 255 31.54 12.26 -12.78
CA GLN D 255 31.46 10.81 -13.00
C GLN D 255 31.82 10.01 -11.76
N ASN D 256 31.84 10.66 -10.59
CA ASN D 256 32.00 10.00 -9.31
C ASN D 256 30.79 10.15 -8.40
N TYR D 257 29.89 11.09 -8.69
CA TYR D 257 28.61 11.20 -8.02
C TYR D 257 27.53 10.66 -8.95
N THR D 258 26.55 9.97 -8.37
CA THR D 258 25.55 9.23 -9.13
C THR D 258 24.16 9.70 -8.73
N CYS D 259 23.32 10.00 -9.72
CA CYS D 259 21.93 10.37 -9.48
C CYS D 259 21.03 9.21 -9.86
N ARG D 260 20.10 8.87 -8.97
CA ARG D 260 19.16 7.78 -9.18
C ARG D 260 17.73 8.33 -9.10
N VAL D 261 16.87 7.84 -9.99
CA VAL D 261 15.50 8.30 -10.14
C VAL D 261 14.58 7.09 -10.01
N TYR D 262 13.64 7.14 -9.06
CA TYR D 262 12.74 6.04 -8.79
C TYR D 262 11.31 6.46 -9.12
N HIS D 263 10.69 5.78 -10.07
CA HIS D 263 9.34 6.10 -10.50
C HIS D 263 8.58 4.83 -10.85
N GLU D 264 7.25 4.92 -10.77
CA GLU D 264 6.40 3.77 -11.06
C GLU D 264 6.48 3.39 -12.52
N GLY D 265 6.32 4.36 -13.42
CA GLY D 265 6.33 4.09 -14.85
C GLY D 265 7.66 3.64 -15.41
N LEU D 266 8.69 3.47 -14.58
CA LEU D 266 10.02 3.08 -15.03
C LEU D 266 10.16 1.56 -15.01
N PRO D 267 10.98 1.02 -15.93
CA PRO D 267 11.32 -0.41 -15.85
C PRO D 267 12.32 -0.68 -14.73
N GLU D 268 13.37 0.13 -14.68
CA GLU D 268 14.37 0.12 -13.63
C GLU D 268 14.71 1.56 -13.28
N PRO D 269 15.14 1.82 -12.04
CA PRO D 269 15.49 3.20 -11.67
C PRO D 269 16.62 3.75 -12.53
N LEU D 270 16.53 5.05 -12.82
CA LEU D 270 17.47 5.72 -13.70
C LEU D 270 18.79 5.97 -12.99
N THR D 271 19.83 6.24 -13.79
CA THR D 271 21.17 6.45 -13.28
C THR D 271 21.92 7.41 -14.20
N LEU D 272 22.44 8.50 -13.63
CA LEU D 272 23.19 9.48 -14.40
C LEU D 272 24.33 10.04 -13.56
N ARG D 273 25.37 10.51 -14.25
CA ARG D 273 26.52 11.10 -13.59
C ARG D 273 26.95 12.40 -14.27
N ILE E 3 -4.50 30.25 11.83
CA ILE E 3 -3.21 30.89 11.59
C ILE E 3 -2.94 30.97 10.09
N GLN E 4 -2.24 32.01 9.68
CA GLN E 4 -1.89 32.21 8.28
C GLN E 4 -0.47 31.73 8.02
N LYS E 5 -0.22 31.35 6.77
CA LYS E 5 1.06 30.80 6.37
C LYS E 5 1.49 31.49 5.08
N THR E 6 2.76 31.92 5.03
CA THR E 6 3.23 32.68 3.89
C THR E 6 3.35 31.78 2.66
N PRO E 7 3.08 32.31 1.46
CA PRO E 7 3.11 31.48 0.26
C PRO E 7 4.54 31.19 -0.20
N GLN E 8 4.74 29.97 -0.71
CA GLN E 8 5.98 29.56 -1.35
C GLN E 8 5.83 29.69 -2.85
N ILE E 9 6.83 30.28 -3.50
CA ILE E 9 6.75 30.64 -4.93
C ILE E 9 7.87 29.93 -5.68
N GLN E 10 7.51 29.31 -6.80
CA GLN E 10 8.46 28.70 -7.72
C GLN E 10 8.15 29.16 -9.13
N VAL E 11 9.18 29.55 -9.87
CA VAL E 11 9.02 30.06 -11.23
C VAL E 11 9.90 29.21 -12.15
N TYR E 12 9.29 28.65 -13.19
CA TYR E 12 9.99 27.70 -14.04
C TYR E 12 9.27 27.61 -15.38
N SER E 13 9.97 27.06 -16.36
CA SER E 13 9.46 26.91 -17.71
C SER E 13 8.95 25.49 -17.92
N ARG E 14 7.88 25.36 -18.72
CA ARG E 14 7.30 24.06 -19.04
C ARG E 14 8.34 23.15 -19.66
N HIS E 15 8.85 23.52 -20.83
CA HIS E 15 9.92 22.83 -21.51
C HIS E 15 11.26 23.46 -21.17
N PRO E 16 12.37 22.77 -21.44
CA PRO E 16 13.69 23.38 -21.21
C PRO E 16 13.89 24.59 -22.10
N PRO E 17 14.54 25.63 -21.59
CA PRO E 17 14.58 26.92 -22.31
C PRO E 17 15.60 26.91 -23.43
N GLU E 18 15.14 27.18 -24.65
CA GLU E 18 16.00 27.41 -25.80
C GLU E 18 15.65 28.77 -26.37
N ASN E 19 16.62 29.70 -26.36
CA ASN E 19 16.40 31.07 -26.80
C ASN E 19 15.66 30.73 -28.09
N GLY E 20 14.54 31.39 -28.32
CA GLY E 20 13.86 31.51 -29.60
C GLY E 20 12.78 30.50 -29.86
N LYS E 21 12.58 29.51 -28.97
CA LYS E 21 11.55 28.49 -29.15
C LYS E 21 10.37 28.78 -28.24
N PRO E 22 9.13 28.79 -28.77
CA PRO E 22 7.96 29.07 -27.93
C PRO E 22 7.88 28.13 -26.73
N ASN E 23 7.20 28.56 -25.67
CA ASN E 23 7.26 27.86 -24.39
C ASN E 23 6.15 28.41 -23.49
N ILE E 24 6.08 27.86 -22.29
CA ILE E 24 5.13 28.27 -21.26
C ILE E 24 5.89 28.43 -19.96
N LEU E 25 5.72 29.57 -19.29
CA LEU E 25 6.35 29.84 -18.01
C LEU E 25 5.34 29.64 -16.89
N ASN E 26 5.75 28.94 -15.84
CA ASN E 26 4.89 28.57 -14.73
C ASN E 26 5.26 29.35 -13.47
N CYS E 27 4.25 29.70 -12.67
CA CYS E 27 4.43 30.31 -11.37
C CYS E 27 3.58 29.54 -10.37
N TYR E 28 4.22 28.73 -9.54
CA TYR E 28 3.56 27.76 -8.67
C TYR E 28 3.62 28.27 -7.24
N VAL E 29 2.47 28.63 -6.69
CA VAL E 29 2.38 29.25 -5.37
C VAL E 29 1.64 28.30 -4.45
N THR E 30 2.30 27.86 -3.39
CA THR E 30 1.80 26.78 -2.55
C THR E 30 1.94 27.12 -1.07
N GLN E 31 1.25 26.32 -0.27
CA GLN E 31 1.43 26.29 1.19
C GLN E 31 1.08 27.63 1.84
N PHE E 32 -0.02 28.22 1.41
CA PHE E 32 -0.50 29.46 2.02
C PHE E 32 -1.91 29.28 2.56
N HIS E 33 -2.36 30.32 3.25
CA HIS E 33 -3.62 30.39 3.99
C HIS E 33 -3.64 31.87 4.36
N PRO E 34 -4.81 32.50 4.46
CA PRO E 34 -6.10 32.21 3.83
C PRO E 34 -6.00 32.10 2.31
N PRO E 35 -7.03 31.58 1.64
CA PRO E 35 -6.91 31.33 0.19
C PRO E 35 -6.78 32.60 -0.64
N HIS E 36 -7.34 33.72 -0.20
CA HIS E 36 -7.34 34.92 -1.04
C HIS E 36 -5.91 35.36 -1.33
N ILE E 37 -5.59 35.51 -2.62
CA ILE E 37 -4.25 35.87 -3.04
C ILE E 37 -4.35 36.51 -4.42
N GLU E 38 -3.38 37.36 -4.74
CA GLU E 38 -3.32 38.04 -6.02
C GLU E 38 -1.98 37.74 -6.67
N ILE E 39 -2.02 37.25 -7.90
CA ILE E 39 -0.84 36.78 -8.61
C ILE E 39 -0.80 37.46 -9.97
N GLN E 40 0.34 38.05 -10.32
CA GLN E 40 0.57 38.57 -11.65
C GLN E 40 2.00 38.29 -12.06
N MET E 41 2.18 37.91 -13.32
CA MET E 41 3.50 37.66 -13.88
C MET E 41 3.94 38.86 -14.70
N LEU E 42 5.25 39.10 -14.72
CA LEU E 42 5.80 40.32 -15.29
C LEU E 42 6.87 39.99 -16.32
N LYS E 43 6.78 40.63 -17.48
CA LYS E 43 7.82 40.59 -18.50
C LYS E 43 8.48 41.96 -18.54
N ASN E 44 9.76 42.01 -18.14
CA ASN E 44 10.52 43.25 -18.10
C ASN E 44 9.81 44.32 -17.28
N GLY E 45 9.31 43.92 -16.10
CA GLY E 45 8.64 44.83 -15.21
C GLY E 45 7.18 45.11 -15.52
N LYS E 46 6.73 44.90 -16.75
CA LYS E 46 5.35 45.17 -17.11
C LYS E 46 4.51 43.90 -17.06
N LYS E 47 3.24 44.06 -16.69
CA LYS E 47 2.36 42.92 -16.49
C LYS E 47 2.02 42.24 -17.82
N ILE E 48 1.98 40.92 -17.80
CA ILE E 48 1.67 40.11 -18.97
C ILE E 48 0.16 39.96 -19.07
N PRO E 49 -0.45 40.27 -20.22
CA PRO E 49 -1.90 40.14 -20.35
C PRO E 49 -2.32 38.71 -20.59
N LYS E 50 -3.57 38.41 -20.20
CA LYS E 50 -4.17 37.09 -20.37
C LYS E 50 -3.31 36.00 -19.72
N VAL E 51 -3.05 36.18 -18.43
CA VAL E 51 -2.38 35.14 -17.65
C VAL E 51 -3.43 34.15 -17.17
N GLU E 52 -3.47 32.98 -17.79
CA GLU E 52 -4.38 31.93 -17.34
C GLU E 52 -3.90 31.37 -16.01
N MET E 53 -4.84 31.08 -15.11
CA MET E 53 -4.50 30.65 -13.77
C MET E 53 -5.31 29.43 -13.35
N SER E 54 -4.67 28.55 -12.60
CA SER E 54 -5.29 27.31 -12.15
C SER E 54 -6.49 27.59 -11.25
N ASP E 55 -7.17 26.52 -10.89
CA ASP E 55 -8.14 26.53 -9.81
C ASP E 55 -7.44 26.16 -8.52
N MET E 56 -7.98 26.65 -7.41
CA MET E 56 -7.31 26.47 -6.12
C MET E 56 -7.87 25.23 -5.42
N SER E 57 -6.97 24.32 -5.08
CA SER E 57 -7.25 23.23 -4.16
C SER E 57 -6.36 23.42 -2.93
N PHE E 58 -6.36 22.43 -2.04
CA PHE E 58 -5.44 22.45 -0.91
C PHE E 58 -4.69 21.14 -0.84
N SER E 59 -3.54 21.18 -0.17
CA SER E 59 -2.72 20.00 0.04
C SER E 59 -3.38 19.10 1.08
N LYS E 60 -2.71 17.98 1.37
CA LYS E 60 -3.19 17.11 2.44
C LYS E 60 -3.05 17.75 3.81
N ASP E 61 -2.24 18.80 3.92
CA ASP E 61 -2.07 19.56 5.15
C ASP E 61 -2.96 20.81 5.20
N TRP E 62 -3.97 20.87 4.33
CA TRP E 62 -5.01 21.89 4.29
C TRP E 62 -4.52 23.24 3.75
N SER E 63 -3.26 23.36 3.38
CA SER E 63 -2.76 24.61 2.82
C SER E 63 -3.08 24.70 1.33
N PHE E 64 -3.29 25.92 0.86
CA PHE E 64 -3.78 26.14 -0.50
C PHE E 64 -2.65 26.35 -1.49
N TYR E 65 -2.87 25.87 -2.72
CA TYR E 65 -1.92 26.03 -3.81
C TYR E 65 -2.67 26.34 -5.10
N ILE E 66 -1.97 27.00 -6.02
CA ILE E 66 -2.56 27.42 -7.29
C ILE E 66 -1.44 27.59 -8.29
N LEU E 67 -1.75 27.35 -9.56
CA LEU E 67 -0.78 27.42 -10.66
C LEU E 67 -1.15 28.55 -11.60
N ALA E 68 -0.19 29.44 -11.86
CA ALA E 68 -0.33 30.45 -12.90
C ALA E 68 0.64 30.10 -14.03
N HIS E 69 0.14 30.07 -15.26
CA HIS E 69 1.00 29.83 -16.41
C HIS E 69 0.61 30.78 -17.54
N THR E 70 1.54 30.90 -18.50
CA THR E 70 1.35 31.80 -19.63
C THR E 70 2.36 31.42 -20.71
N GLU E 71 2.02 31.79 -21.95
CA GLU E 71 2.92 31.56 -23.06
C GLU E 71 3.97 32.66 -23.10
N PHE E 72 5.23 32.26 -23.31
CA PHE E 72 6.33 33.20 -23.44
C PHE E 72 7.39 32.57 -24.34
N THR E 73 8.38 33.37 -24.69
CA THR E 73 9.49 32.89 -25.50
C THR E 73 10.78 33.51 -24.99
N PRO E 74 11.69 32.70 -24.43
CA PRO E 74 12.85 33.27 -23.75
C PRO E 74 13.86 33.85 -24.73
N THR E 75 14.34 35.04 -24.41
CA THR E 75 15.49 35.63 -25.05
C THR E 75 16.59 35.82 -24.01
N GLU E 76 17.77 36.18 -24.49
CA GLU E 76 18.86 36.46 -23.57
C GLU E 76 18.58 37.70 -22.74
N THR E 77 18.08 38.76 -23.39
CA THR E 77 17.92 40.08 -22.79
C THR E 77 16.63 40.25 -22.00
N ASP E 78 15.65 39.35 -22.15
CA ASP E 78 14.36 39.51 -21.46
C ASP E 78 14.41 38.87 -20.07
N THR E 79 13.78 39.54 -19.11
CA THR E 79 13.73 39.10 -17.72
C THR E 79 12.27 38.87 -17.35
N TYR E 80 11.98 37.70 -16.80
CA TYR E 80 10.62 37.31 -16.41
C TYR E 80 10.56 37.10 -14.91
N ALA E 81 9.38 37.36 -14.33
CA ALA E 81 9.24 37.32 -12.88
C ALA E 81 7.81 36.97 -12.51
N CYS E 82 7.61 36.76 -11.21
CA CYS E 82 6.29 36.50 -10.63
C CYS E 82 6.16 37.33 -9.36
N ARG E 83 5.09 38.13 -9.28
CA ARG E 83 4.83 39.01 -8.15
C ARG E 83 3.55 38.55 -7.48
N VAL E 84 3.58 38.46 -6.15
CA VAL E 84 2.51 37.88 -5.36
C VAL E 84 2.17 38.81 -4.22
N LYS E 85 0.87 39.03 -3.99
CA LYS E 85 0.38 39.82 -2.87
C LYS E 85 -0.50 38.92 -2.00
N HIS E 86 -0.30 38.99 -0.69
CA HIS E 86 -0.97 38.09 0.23
C HIS E 86 -0.96 38.71 1.63
N ASP E 87 -2.04 38.48 2.38
CA ASP E 87 -2.20 39.12 3.68
C ASP E 87 -1.10 38.74 4.66
N SER E 88 -0.57 37.53 4.55
CA SER E 88 0.50 37.09 5.45
C SER E 88 1.81 37.85 5.22
N MET E 89 1.88 38.70 4.20
CA MET E 89 3.08 39.47 3.89
C MET E 89 2.77 40.95 3.92
N ALA E 90 3.67 41.74 4.50
CA ALA E 90 3.47 43.18 4.57
C ALA E 90 3.50 43.80 3.19
N GLU E 91 4.47 43.39 2.36
CA GLU E 91 4.63 43.89 1.01
C GLU E 91 4.68 42.72 0.03
N PRO E 92 4.42 42.98 -1.26
CA PRO E 92 4.46 41.88 -2.23
C PRO E 92 5.84 41.28 -2.38
N LYS E 93 5.87 39.98 -2.69
CA LYS E 93 7.10 39.23 -2.88
C LYS E 93 7.28 38.93 -4.35
N THR E 94 8.48 39.19 -4.87
CA THR E 94 8.78 39.03 -6.29
C THR E 94 9.86 37.95 -6.45
N VAL E 95 9.58 36.98 -7.32
CA VAL E 95 10.51 35.91 -7.62
C VAL E 95 10.84 35.97 -9.11
N TYR E 96 12.12 35.89 -9.44
CA TYR E 96 12.58 36.02 -10.81
C TYR E 96 12.84 34.64 -11.41
N TRP E 97 12.51 34.50 -12.69
CA TRP E 97 12.74 33.24 -13.40
C TRP E 97 14.23 33.01 -13.56
N ASP E 98 14.73 31.94 -12.94
CA ASP E 98 16.11 31.51 -13.11
C ASP E 98 16.10 30.34 -14.08
N ARG E 99 16.59 30.56 -15.31
CA ARG E 99 16.54 29.52 -16.32
C ARG E 99 17.47 28.35 -16.03
N ASP E 100 18.38 28.49 -15.06
CA ASP E 100 19.19 27.36 -14.62
C ASP E 100 18.46 26.48 -13.61
N MET E 101 17.25 26.84 -13.22
CA MET E 101 16.46 26.07 -12.26
C MET E 101 14.96 26.41 -12.36
N LYS F 1 -19.42 10.12 -7.69
CA LYS F 1 -19.90 11.48 -7.51
C LYS F 1 -19.66 11.99 -6.09
N ALA F 2 -20.13 13.21 -5.83
CA ALA F 2 -19.77 13.95 -4.62
C ALA F 2 -20.35 13.31 -3.36
N PRO F 3 -19.81 13.65 -2.20
CA PRO F 3 -20.40 13.19 -0.94
C PRO F 3 -21.53 14.10 -0.49
N TYR F 4 -22.20 13.72 0.60
CA TYR F 4 -23.33 14.48 1.14
C TYR F 4 -23.36 14.35 2.65
N ASN F 5 -23.16 15.46 3.37
CA ASN F 5 -23.11 15.43 4.84
C ASN F 5 -24.49 15.62 5.48
N ALA F 7 -25.62 15.48 9.25
CA ALA F 7 -25.69 16.34 10.42
C ALA F 7 -24.79 17.57 10.32
N THR F 8 -25.30 18.69 10.84
CA THR F 8 -24.53 19.91 10.93
C THR F 8 -23.34 19.71 11.87
N MET F 9 -22.42 20.68 11.84
CA MET F 9 -21.41 20.75 12.86
C MET F 9 -22.01 21.51 14.05
#